data_3IF2
#
_entry.id   3IF2
#
_cell.length_a   152.813
_cell.length_b   152.813
_cell.length_c   100.614
_cell.angle_alpha   90.000
_cell.angle_beta   90.000
_cell.angle_gamma   90.000
#
_symmetry.space_group_name_H-M   'I 4'
#
loop_
_entity.id
_entity.type
_entity.pdbx_description
1 polymer Aminotransferase
2 non-polymer "PYRIDOXAL-5'-PHOSPHATE"
3 non-polymer GLYCEROL
4 non-polymer 'ACETATE ION'
5 water water
#
_entity_poly.entity_id   1
_entity_poly.type   'polypeptide(L)'
_entity_poly.pdbx_seq_one_letter_code
;G(MSE)KFSKFGQKFTQPTGISQL(MSE)DDLGDALKSDQPVN(MSE)LGGGNPAKIDAVNELFLETYKALGNDNDTGKA
NSSAIIS(MSE)ANYSNPQGDSAFIDALVGFFNRHYDWNLTSENIALTNGSQNAFFYLFNLFGGAFVNEHSQDKESKSVD
KSILLPLTPEYIGYSDVHVEGQHFAAVLPHIDEVTHDGEEGFFKYRVDFEALENLPALKEGRIGAICCSRPTNPTGNVLT
DEE(MSE)AHLAEIAKRYDIPLIIDNAYG(MSE)PFPNIIYSDAHLNWDNNTILCFSLSKIGLPG(MSE)RTGIIVADAK
VIEAVSA(MSE)NAVVNLAPTRFGAAIATPLVANDRIKQLSDNEIKPFYQKQATLAVKLLKQALGDYPL(MSE)IHKPEG
AIFLWLWFKDLPISTLDLYERLKAKGTLIVPSEYFFPGVDVSDYQHAHECIR(MSE)SIAADEQTLIDGIKVIGEVVREL
YDNK
;
_entity_poly.pdbx_strand_id   A,B
#
loop_
_chem_comp.id
_chem_comp.type
_chem_comp.name
_chem_comp.formula
ACT non-polymer 'ACETATE ION' 'C2 H3 O2 -1'
GOL non-polymer GLYCEROL 'C3 H8 O3'
PLP non-polymer PYRIDOXAL-5'-PHOSPHATE 'C8 H10 N O6 P'
#
# COMPACT_ATOMS: atom_id res chain seq x y z
N GLY A 1 28.00 7.41 6.48
CA GLY A 1 26.53 7.66 6.72
C GLY A 1 25.65 6.56 6.13
N MSE A 2 24.48 6.94 5.63
CA MSE A 2 23.55 6.02 4.94
C MSE A 2 23.68 6.30 3.45
O MSE A 2 23.61 7.47 3.04
CB MSE A 2 22.08 6.26 5.38
CG MSE A 2 21.73 5.85 6.82
SE MSE A 2 20.94 4.09 7.06
CE MSE A 2 21.44 3.87 8.92
N LYS A 3 23.89 5.26 2.65
CA LYS A 3 24.00 5.40 1.19
C LYS A 3 22.83 4.64 0.55
N PHE A 4 22.09 5.36 -0.29
CA PHE A 4 20.92 4.81 -0.97
C PHE A 4 21.19 4.43 -2.42
N SER A 5 20.31 3.58 -2.94
CA SER A 5 20.34 3.15 -4.34
C SER A 5 19.85 4.29 -5.22
N LYS A 6 19.83 4.08 -6.53
CA LYS A 6 19.34 5.12 -7.46
C LYS A 6 17.85 5.29 -7.25
N PHE A 7 17.12 4.17 -7.13
CA PHE A 7 15.69 4.18 -6.82
C PHE A 7 15.43 5.05 -5.60
N GLY A 8 16.17 4.80 -4.53
CA GLY A 8 16.09 5.59 -3.30
C GLY A 8 16.38 7.06 -3.48
N GLN A 9 17.44 7.38 -4.24
CA GLN A 9 17.82 8.78 -4.52
C GLN A 9 16.71 9.56 -5.23
N LYS A 10 15.87 8.89 -6.02
CA LYS A 10 14.69 9.52 -6.65
C LYS A 10 13.66 10.07 -5.62
N PHE A 11 13.53 9.40 -4.46
CA PHE A 11 12.63 9.82 -3.37
C PHE A 11 13.29 10.70 -2.30
N THR A 12 14.63 10.74 -2.23
CA THR A 12 15.36 11.68 -1.36
C THR A 12 15.47 13.05 -2.05
N GLN A 13 15.54 13.04 -3.38
CA GLN A 13 15.73 14.24 -4.21
C GLN A 13 14.58 15.24 -4.05
N PRO A 14 14.84 16.40 -3.42
CA PRO A 14 13.76 17.37 -3.27
C PRO A 14 13.31 17.95 -4.63
N THR A 15 12.07 17.67 -5.03
CA THR A 15 11.47 18.22 -6.27
C THR A 15 10.64 19.46 -5.88
N GLY A 16 10.01 20.08 -6.86
CA GLY A 16 9.08 21.19 -6.59
C GLY A 16 7.82 20.68 -5.87
N ILE A 17 7.37 19.47 -6.23
CA ILE A 17 6.20 18.81 -5.63
C ILE A 17 6.49 18.43 -4.16
N SER A 18 7.66 17.84 -3.86
CA SER A 18 8.00 17.50 -2.45
C SER A 18 8.10 18.77 -1.56
N GLN A 19 8.68 19.87 -2.07
CA GLN A 19 8.77 21.15 -1.33
C GLN A 19 7.38 21.78 -1.11
N LEU A 20 6.50 21.69 -2.10
CA LEU A 20 5.12 22.15 -1.97
C LEU A 20 4.39 21.26 -0.93
N MSE A 21 4.53 19.94 -1.04
CA MSE A 21 3.92 18.99 -0.08
C MSE A 21 4.41 19.17 1.36
O MSE A 21 3.64 18.98 2.29
CB MSE A 21 4.08 17.52 -0.53
CG MSE A 21 3.29 17.14 -1.81
SE MSE A 21 1.39 17.69 -1.76
CE MSE A 21 0.79 16.37 -0.38
N ASP A 22 5.67 19.57 1.53
CA ASP A 22 6.24 19.88 2.85
C ASP A 22 5.59 21.14 3.45
N ASP A 23 5.47 22.20 2.66
CA ASP A 23 4.82 23.44 3.11
C ASP A 23 3.33 23.24 3.49
N LEU A 24 2.64 22.41 2.72
CA LEU A 24 1.24 22.05 2.99
C LEU A 24 1.11 21.14 4.26
N GLY A 25 2.10 20.26 4.47
CA GLY A 25 2.15 19.41 5.67
C GLY A 25 2.54 20.21 6.92
N ASP A 26 3.44 21.17 6.76
CA ASP A 26 3.91 22.03 7.87
C ASP A 26 2.79 22.94 8.39
N ALA A 27 2.08 23.61 7.48
CA ALA A 27 0.95 24.51 7.79
C ALA A 27 -0.13 23.85 8.65
N LEU A 28 -0.51 22.61 8.30
CA LEU A 28 -1.45 21.77 9.08
C LEU A 28 -0.92 21.50 10.52
N LYS A 29 0.28 20.89 10.60
CA LYS A 29 0.93 20.57 11.89
C LYS A 29 1.34 21.78 12.76
N SER A 30 1.43 22.97 12.17
CA SER A 30 1.83 24.20 12.90
C SER A 30 0.75 24.77 13.85
N ASP A 31 1.22 25.53 14.84
CA ASP A 31 0.35 26.25 15.80
C ASP A 31 -0.32 27.47 15.16
N GLN A 32 0.43 28.13 14.26
CA GLN A 32 -0.07 29.25 13.43
C GLN A 32 -1.29 28.77 12.62
N PRO A 33 -2.47 29.40 12.82
CA PRO A 33 -3.63 28.99 12.03
C PRO A 33 -3.52 29.51 10.59
N VAL A 34 -4.21 28.83 9.68
CA VAL A 34 -4.18 29.18 8.24
C VAL A 34 -5.52 29.00 7.56
N ASN A 35 -5.71 29.72 6.44
CA ASN A 35 -6.86 29.57 5.58
C ASN A 35 -6.41 28.47 4.61
N MSE A 36 -6.75 27.23 4.92
CA MSE A 36 -6.28 26.05 4.16
C MSE A 36 -7.19 25.74 2.96
O MSE A 36 -8.19 25.03 3.10
CB MSE A 36 -6.12 24.85 5.11
CG MSE A 36 -5.70 23.49 4.47
SE MSE A 36 -4.18 23.62 3.24
CE MSE A 36 -3.98 21.70 2.89
N LEU A 37 -6.85 26.28 1.79
CA LEU A 37 -7.55 26.04 0.51
C LEU A 37 -6.72 25.21 -0.48
N GLY A 38 -5.58 24.66 -0.03
CA GLY A 38 -4.65 23.86 -0.86
C GLY A 38 -4.73 22.34 -0.81
N GLY A 39 -5.48 21.79 0.14
CA GLY A 39 -5.58 20.32 0.29
C GLY A 39 -6.52 19.65 -0.70
N GLY A 40 -6.48 18.31 -0.67
CA GLY A 40 -7.32 17.43 -1.46
C GLY A 40 -8.22 16.52 -0.61
N ASN A 41 -8.33 16.79 0.69
CA ASN A 41 -9.18 15.98 1.59
C ASN A 41 -10.63 16.36 1.32
N PRO A 42 -11.55 15.36 1.20
CA PRO A 42 -13.00 15.69 1.05
C PRO A 42 -13.59 16.34 2.29
N ALA A 43 -14.73 17.01 2.12
CA ALA A 43 -15.45 17.74 3.20
C ALA A 43 -16.01 16.82 4.29
N LYS A 44 -16.35 17.38 5.45
CA LYS A 44 -17.01 16.65 6.55
C LYS A 44 -18.53 16.84 6.38
N ILE A 45 -19.20 15.91 5.70
CA ILE A 45 -20.66 15.99 5.45
C ILE A 45 -21.41 15.17 6.51
N ASP A 46 -22.08 15.85 7.43
CA ASP A 46 -22.76 15.17 8.58
C ASP A 46 -23.63 13.98 8.19
N ALA A 47 -24.41 14.12 7.11
CA ALA A 47 -25.31 13.05 6.68
C ALA A 47 -24.54 11.79 6.27
N VAL A 48 -23.35 11.98 5.68
CA VAL A 48 -22.48 10.90 5.25
C VAL A 48 -21.88 10.14 6.45
N ASN A 49 -21.38 10.90 7.41
CA ASN A 49 -20.79 10.32 8.61
C ASN A 49 -21.79 9.61 9.51
N GLU A 50 -23.03 10.09 9.54
CA GLU A 50 -24.11 9.39 10.25
C GLU A 50 -24.34 8.00 9.65
N LEU A 51 -24.38 7.91 8.31
CA LEU A 51 -24.55 6.61 7.64
C LEU A 51 -23.35 5.68 7.89
N PHE A 52 -22.15 6.25 7.78
CA PHE A 52 -20.94 5.53 8.08
C PHE A 52 -20.89 5.01 9.51
N LEU A 53 -21.26 5.85 10.49
CA LEU A 53 -21.25 5.45 11.91
C LEU A 53 -22.22 4.31 12.17
N GLU A 54 -23.40 4.40 11.57
CA GLU A 54 -24.43 3.34 11.64
C GLU A 54 -23.88 2.02 11.09
N THR A 55 -23.29 2.08 9.91
CA THR A 55 -22.72 0.88 9.28
C THR A 55 -21.63 0.25 10.17
N TYR A 56 -20.73 1.11 10.67
CA TYR A 56 -19.63 0.73 11.58
C TYR A 56 -20.12 -0.03 12.81
N LYS A 57 -21.16 0.50 13.44
CA LYS A 57 -21.76 -0.12 14.61
C LYS A 57 -22.35 -1.48 14.22
N ALA A 58 -23.13 -1.51 13.13
CA ALA A 58 -23.78 -2.74 12.66
C ALA A 58 -22.75 -3.86 12.43
N LEU A 59 -21.61 -3.55 11.79
CA LEU A 59 -20.53 -4.54 11.59
C LEU A 59 -19.90 -5.09 12.88
N GLY A 60 -19.97 -4.34 13.98
CA GLY A 60 -19.48 -4.78 15.28
C GLY A 60 -20.54 -5.41 16.19
N ASN A 61 -21.83 -5.27 15.84
CA ASN A 61 -22.98 -5.79 16.62
C ASN A 61 -23.65 -7.05 16.03
N ASP A 62 -23.10 -7.67 14.97
CA ASP A 62 -23.68 -8.90 14.35
C ASP A 62 -22.99 -10.24 14.76
N ASN A 63 -22.30 -10.19 15.91
CA ASN A 63 -21.69 -11.36 16.52
C ASN A 63 -22.79 -12.24 17.12
N ASP A 64 -22.51 -13.54 17.19
CA ASP A 64 -23.42 -14.49 17.85
C ASP A 64 -23.33 -14.22 19.35
N THR A 65 -24.40 -14.54 20.09
CA THR A 65 -24.49 -14.25 21.52
C THR A 65 -23.29 -14.77 22.32
N GLY A 66 -22.70 -13.88 23.13
CA GLY A 66 -21.53 -14.16 23.98
C GLY A 66 -20.19 -14.41 23.28
N LYS A 67 -20.11 -14.06 21.98
CA LYS A 67 -18.92 -14.28 21.14
C LYS A 67 -18.45 -12.97 20.49
N ALA A 68 -17.17 -12.89 20.14
CA ALA A 68 -16.62 -11.70 19.48
C ALA A 68 -16.49 -11.90 17.95
N ASN A 69 -17.12 -12.92 17.36
CA ASN A 69 -17.11 -13.20 15.89
C ASN A 69 -17.94 -12.26 14.97
N SER A 70 -17.95 -10.95 15.23
CA SER A 70 -18.63 -9.98 14.37
C SER A 70 -17.91 -9.76 13.02
N SER A 71 -18.63 -9.19 12.05
CA SER A 71 -18.06 -8.92 10.70
C SER A 71 -16.80 -8.06 10.78
N ALA A 72 -16.84 -7.04 11.64
CA ALA A 72 -15.71 -6.18 11.94
C ALA A 72 -14.49 -7.00 12.37
N ILE A 73 -14.68 -7.92 13.32
CA ILE A 73 -13.58 -8.80 13.77
C ILE A 73 -13.05 -9.73 12.66
N ILE A 74 -13.94 -10.33 11.90
CA ILE A 74 -13.55 -11.26 10.83
C ILE A 74 -12.72 -10.53 9.76
N SER A 75 -13.16 -9.32 9.43
CA SER A 75 -12.53 -8.44 8.46
C SER A 75 -11.12 -7.99 8.98
N MSE A 76 -11.05 -7.55 10.23
CA MSE A 76 -9.75 -7.26 10.91
C MSE A 76 -8.76 -8.43 11.05
O MSE A 76 -7.54 -8.27 10.89
CB MSE A 76 -10.04 -6.90 12.39
CG MSE A 76 -10.00 -5.48 12.72
SE MSE A 76 -10.52 -5.32 14.58
CE MSE A 76 -12.33 -4.94 14.03
N ALA A 77 -9.30 -9.59 11.45
CA ALA A 77 -8.50 -10.76 11.86
C ALA A 77 -7.93 -11.64 10.75
N ASN A 78 -8.22 -11.32 9.49
CA ASN A 78 -7.82 -12.13 8.33
C ASN A 78 -7.33 -11.30 7.15
N TYR A 79 -6.27 -11.80 6.51
CA TYR A 79 -5.76 -11.26 5.27
C TYR A 79 -6.82 -11.54 4.21
N SER A 80 -7.05 -10.61 3.28
CA SER A 80 -7.90 -10.89 2.11
C SER A 80 -7.05 -11.62 1.10
N ASN A 81 -7.66 -12.03 -0.01
CA ASN A 81 -6.92 -12.57 -1.15
C ASN A 81 -6.07 -11.38 -1.70
N PRO A 82 -4.90 -11.63 -2.34
CA PRO A 82 -4.12 -10.50 -2.91
C PRO A 82 -4.89 -9.60 -3.91
N GLN A 83 -5.85 -10.19 -4.64
CA GLN A 83 -6.74 -9.46 -5.55
C GLN A 83 -7.67 -8.48 -4.78
N GLY A 84 -8.02 -8.79 -3.53
CA GLY A 84 -8.82 -7.94 -2.66
C GLY A 84 -10.00 -8.65 -2.00
N ASP A 85 -10.54 -8.03 -0.95
CA ASP A 85 -11.70 -8.56 -0.20
C ASP A 85 -12.75 -9.20 -1.13
N SER A 86 -12.89 -10.53 -1.07
CA SER A 86 -13.84 -11.28 -1.92
C SER A 86 -15.29 -10.77 -1.90
N ALA A 87 -15.84 -10.57 -0.69
CA ALA A 87 -17.23 -10.14 -0.51
C ALA A 87 -17.49 -8.78 -1.18
N PHE A 88 -16.55 -7.85 -1.00
CA PHE A 88 -16.65 -6.51 -1.63
C PHE A 88 -16.60 -6.59 -3.18
N ILE A 89 -15.71 -7.41 -3.72
CA ILE A 89 -15.63 -7.63 -5.18
C ILE A 89 -16.95 -8.21 -5.71
N ASP A 90 -17.51 -9.23 -5.04
CA ASP A 90 -18.80 -9.84 -5.48
C ASP A 90 -19.94 -8.81 -5.46
N ALA A 91 -19.99 -7.99 -4.40
CA ALA A 91 -20.97 -6.89 -4.29
C ALA A 91 -20.83 -5.91 -5.47
N LEU A 92 -19.59 -5.52 -5.75
CA LEU A 92 -19.24 -4.63 -6.87
C LEU A 92 -19.63 -5.22 -8.24
N VAL A 93 -19.38 -6.52 -8.43
CA VAL A 93 -19.79 -7.24 -9.65
C VAL A 93 -21.30 -7.09 -9.85
N GLY A 94 -22.07 -7.47 -8.82
CA GLY A 94 -23.54 -7.35 -8.86
C GLY A 94 -23.99 -5.93 -9.16
N PHE A 95 -23.43 -4.98 -8.42
CA PHE A 95 -23.70 -3.53 -8.55
C PHE A 95 -23.48 -2.96 -9.97
N PHE A 96 -22.29 -3.18 -10.55
CA PHE A 96 -22.01 -2.72 -11.91
C PHE A 96 -22.89 -3.40 -12.95
N ASN A 97 -23.12 -4.71 -12.79
CA ASN A 97 -24.00 -5.47 -13.70
C ASN A 97 -25.48 -5.03 -13.63
N ARG A 98 -25.97 -4.70 -12.43
CA ARG A 98 -27.33 -4.13 -12.22
C ARG A 98 -27.50 -2.81 -12.93
N HIS A 99 -26.53 -1.92 -12.72
CA HIS A 99 -26.59 -0.56 -13.24
C HIS A 99 -26.09 -0.31 -14.67
N TYR A 100 -25.19 -1.16 -15.19
CA TYR A 100 -24.57 -0.96 -16.53
C TYR A 100 -24.57 -2.14 -17.52
N ASP A 101 -24.84 -3.34 -17.04
CA ASP A 101 -24.89 -4.53 -17.90
C ASP A 101 -23.57 -4.81 -18.70
N TRP A 102 -22.43 -4.66 -18.02
CA TRP A 102 -21.11 -4.94 -18.60
C TRP A 102 -20.73 -6.42 -18.60
N ASN A 103 -21.55 -7.28 -17.97
CA ASN A 103 -21.35 -8.73 -17.87
CA ASN A 103 -21.34 -8.73 -17.87
C ASN A 103 -20.01 -9.06 -17.18
N LEU A 104 -19.70 -8.29 -16.12
CA LEU A 104 -18.46 -8.53 -15.37
C LEU A 104 -18.59 -9.79 -14.52
N THR A 105 -17.44 -10.38 -14.20
CA THR A 105 -17.30 -11.47 -13.24
C THR A 105 -16.27 -10.97 -12.22
N SER A 106 -15.97 -11.78 -11.21
CA SER A 106 -14.98 -11.38 -10.20
C SER A 106 -13.57 -11.22 -10.80
N GLU A 107 -13.31 -11.88 -11.94
CA GLU A 107 -12.01 -11.76 -12.63
C GLU A 107 -11.66 -10.34 -13.12
N ASN A 108 -12.69 -9.48 -13.27
CA ASN A 108 -12.57 -8.10 -13.75
C ASN A 108 -12.39 -7.01 -12.69
N ILE A 109 -12.28 -7.35 -11.42
CA ILE A 109 -12.17 -6.36 -10.37
C ILE A 109 -11.09 -6.74 -9.36
N ALA A 110 -10.23 -5.76 -9.06
CA ALA A 110 -9.19 -5.88 -8.05
C ALA A 110 -9.27 -4.64 -7.17
N LEU A 111 -8.74 -4.76 -5.96
CA LEU A 111 -8.65 -3.68 -4.98
C LEU A 111 -7.17 -3.34 -4.78
N THR A 112 -6.92 -2.04 -4.51
CA THR A 112 -5.58 -1.50 -4.23
C THR A 112 -5.66 -0.61 -2.98
N ASN A 113 -4.50 -0.22 -2.43
CA ASN A 113 -4.44 0.65 -1.24
C ASN A 113 -4.60 2.13 -1.64
N GLY A 114 -5.82 2.49 -2.07
CA GLY A 114 -6.18 3.78 -2.64
C GLY A 114 -5.92 3.75 -4.16
N SER A 115 -6.55 4.65 -4.91
CA SER A 115 -6.31 4.73 -6.38
CA SER A 115 -6.33 4.72 -6.37
C SER A 115 -4.88 5.11 -6.74
N GLN A 116 -4.17 5.80 -5.82
CA GLN A 116 -2.75 6.17 -6.02
C GLN A 116 -1.89 4.90 -6.22
N ASN A 117 -2.18 3.87 -5.41
CA ASN A 117 -1.55 2.57 -5.50
C ASN A 117 -1.89 1.97 -6.88
N ALA A 118 -3.13 2.15 -7.32
CA ALA A 118 -3.53 1.72 -8.66
C ALA A 118 -2.69 2.40 -9.76
N PHE A 119 -2.42 3.70 -9.64
CA PHE A 119 -1.66 4.41 -10.67
C PHE A 119 -0.19 4.06 -10.65
N PHE A 120 0.37 3.83 -9.46
CA PHE A 120 1.75 3.35 -9.32
C PHE A 120 1.89 2.01 -10.07
N TYR A 121 0.90 1.12 -9.93
CA TYR A 121 0.92 -0.13 -10.68
C TYR A 121 0.72 0.09 -12.18
N LEU A 122 -0.41 0.71 -12.55
CA LEU A 122 -0.78 0.89 -13.96
C LEU A 122 0.24 1.69 -14.80
N PHE A 123 0.81 2.77 -14.26
CA PHE A 123 1.76 3.56 -15.02
C PHE A 123 3.11 2.88 -15.19
N ASN A 124 3.52 2.08 -14.21
CA ASN A 124 4.72 1.23 -14.34
C ASN A 124 4.44 -0.06 -15.11
N LEU A 125 3.18 -0.49 -15.17
CA LEU A 125 2.78 -1.67 -15.94
C LEU A 125 2.78 -1.38 -17.44
N PHE A 126 2.39 -0.15 -17.82
CA PHE A 126 2.28 0.26 -19.21
C PHE A 126 3.21 1.40 -19.63
N GLY A 127 4.16 1.77 -18.78
CA GLY A 127 5.09 2.86 -19.08
C GLY A 127 6.47 2.54 -18.59
N GLY A 128 7.46 3.18 -19.20
CA GLY A 128 8.88 2.94 -18.92
C GLY A 128 9.47 2.03 -19.97
N ALA A 129 10.52 1.30 -19.62
CA ALA A 129 11.25 0.45 -20.57
C ALA A 129 10.45 -0.78 -21.00
N PHE A 130 10.33 -0.97 -22.33
CA PHE A 130 9.71 -2.13 -22.98
C PHE A 130 10.74 -2.87 -23.84
N VAL A 131 10.48 -4.17 -24.06
CA VAL A 131 11.31 -4.99 -24.96
C VAL A 131 10.95 -4.47 -26.37
N ASN A 132 11.99 -4.20 -27.15
CA ASN A 132 11.87 -3.64 -28.52
C ASN A 132 11.45 -4.74 -29.52
N GLU A 133 10.86 -4.34 -30.64
CA GLU A 133 10.33 -5.30 -31.64
C GLU A 133 10.01 -4.64 -32.99
N LYS A 141 17.83 -2.48 -28.53
CA LYS A 141 17.37 -3.72 -27.91
C LYS A 141 16.15 -3.53 -26.97
N SER A 142 15.94 -2.31 -26.45
CA SER A 142 14.76 -1.95 -25.63
C SER A 142 14.29 -0.51 -25.98
N VAL A 143 13.07 -0.14 -25.59
CA VAL A 143 12.52 1.18 -25.95
C VAL A 143 11.59 1.72 -24.86
N ASP A 144 11.71 3.02 -24.54
CA ASP A 144 10.85 3.67 -23.55
C ASP A 144 9.48 4.01 -24.14
N LYS A 145 8.43 3.77 -23.36
CA LYS A 145 7.07 4.16 -23.74
C LYS A 145 6.47 5.05 -22.65
N SER A 146 5.55 5.91 -23.06
CA SER A 146 4.90 6.87 -22.18
C SER A 146 3.42 6.65 -22.02
N ILE A 147 2.87 7.19 -20.94
CA ILE A 147 1.43 7.21 -20.66
C ILE A 147 0.97 8.53 -21.29
N LEU A 148 0.06 8.46 -22.28
CA LEU A 148 -0.44 9.65 -22.99
C LEU A 148 -1.56 10.31 -22.18
N LEU A 149 -1.36 11.58 -21.80
CA LEU A 149 -2.37 12.39 -21.14
C LEU A 149 -2.92 13.21 -22.29
N PRO A 150 -4.16 12.92 -22.75
CA PRO A 150 -4.72 13.61 -23.91
C PRO A 150 -5.06 15.09 -23.69
N LEU A 151 -5.09 15.54 -22.44
CA LEU A 151 -5.31 16.93 -22.12
C LEU A 151 -4.75 17.24 -20.72
N THR A 152 -3.99 18.33 -20.62
CA THR A 152 -3.48 18.85 -19.36
C THR A 152 -4.15 20.24 -19.21
N PRO A 153 -4.22 20.80 -17.99
CA PRO A 153 -3.76 20.29 -16.72
C PRO A 153 -4.37 18.95 -16.28
N GLU A 154 -3.58 18.18 -15.55
CA GLU A 154 -4.00 16.90 -15.00
C GLU A 154 -3.49 16.72 -13.59
N TYR A 155 -3.89 15.63 -12.97
CA TYR A 155 -3.60 15.35 -11.56
C TYR A 155 -2.12 15.39 -11.20
N ILE A 156 -1.80 16.25 -10.23
CA ILE A 156 -0.43 16.42 -9.71
C ILE A 156 0.19 15.09 -9.24
N GLY A 157 -0.63 14.20 -8.69
CA GLY A 157 -0.19 12.89 -8.18
C GLY A 157 0.27 11.82 -9.17
N TYR A 158 -0.04 12.01 -10.44
CA TYR A 158 0.48 11.13 -11.49
C TYR A 158 1.98 11.35 -11.71
N SER A 159 2.44 12.59 -11.58
CA SER A 159 3.84 13.04 -11.88
C SER A 159 5.03 12.12 -11.67
N ASP A 160 5.15 11.59 -10.46
CA ASP A 160 6.38 10.90 -10.04
C ASP A 160 6.30 9.39 -9.76
N VAL A 161 5.24 8.73 -10.21
CA VAL A 161 5.07 7.29 -9.89
C VAL A 161 5.99 6.34 -10.67
N HIS A 162 6.60 6.77 -11.78
CA HIS A 162 7.49 5.88 -12.53
C HIS A 162 8.73 5.50 -11.70
N VAL A 163 9.12 4.23 -11.79
CA VAL A 163 10.26 3.70 -11.04
C VAL A 163 11.62 4.24 -11.55
N GLU A 164 11.76 4.45 -12.86
CA GLU A 164 12.98 5.02 -13.46
C GLU A 164 12.58 6.15 -14.41
N GLY A 165 13.18 7.33 -14.25
CA GLY A 165 12.89 8.48 -15.10
C GLY A 165 11.47 8.99 -14.95
N GLN A 166 10.92 9.50 -16.04
CA GLN A 166 9.54 10.02 -16.12
C GLN A 166 9.04 9.79 -17.54
N HIS A 167 7.87 9.18 -17.67
CA HIS A 167 7.35 8.70 -18.94
C HIS A 167 5.90 9.12 -19.20
N PHE A 168 5.73 10.44 -19.38
CA PHE A 168 4.44 11.02 -19.75
C PHE A 168 4.60 11.80 -21.05
N ALA A 169 3.64 11.65 -21.95
CA ALA A 169 3.54 12.42 -23.19
C ALA A 169 2.25 13.19 -22.95
N ALA A 170 2.35 14.51 -22.79
CA ALA A 170 1.19 15.34 -22.48
C ALA A 170 0.82 16.19 -23.69
N VAL A 171 -0.47 16.31 -23.98
CA VAL A 171 -0.98 17.14 -25.07
C VAL A 171 -1.58 18.41 -24.44
N LEU A 172 -1.18 19.58 -24.96
CA LEU A 172 -1.69 20.85 -24.44
C LEU A 172 -3.15 21.07 -24.85
N PRO A 173 -3.90 21.86 -24.06
CA PRO A 173 -5.31 22.04 -24.37
C PRO A 173 -5.68 23.22 -25.27
N HIS A 174 -6.83 23.10 -25.93
CA HIS A 174 -7.47 24.23 -26.63
CA HIS A 174 -7.47 24.23 -26.63
C HIS A 174 -8.35 24.82 -25.53
N ILE A 175 -8.57 26.13 -25.56
CA ILE A 175 -9.41 26.82 -24.56
C ILE A 175 -10.56 27.52 -25.28
N ASP A 176 -11.80 27.24 -24.87
CA ASP A 176 -13.00 27.91 -25.40
CA ASP A 176 -12.97 27.96 -25.40
C ASP A 176 -13.73 28.63 -24.26
N GLU A 177 -14.18 29.86 -24.51
CA GLU A 177 -14.89 30.68 -23.54
C GLU A 177 -16.35 30.23 -23.52
N VAL A 178 -16.81 29.89 -22.32
CA VAL A 178 -18.14 29.35 -22.09
C VAL A 178 -18.83 30.22 -21.04
N THR A 179 -20.10 29.90 -20.79
CA THR A 179 -20.90 30.61 -19.81
C THR A 179 -21.21 29.66 -18.63
N HIS A 180 -21.54 30.22 -17.46
CA HIS A 180 -21.96 29.42 -16.29
C HIS A 180 -22.97 30.21 -15.45
N ASP A 181 -24.19 29.65 -15.30
CA ASP A 181 -25.28 30.26 -14.53
C ASP A 181 -25.59 31.70 -15.00
N GLY A 182 -25.82 31.82 -16.30
CA GLY A 182 -26.09 33.11 -16.96
C GLY A 182 -24.97 34.14 -16.93
N GLU A 183 -23.74 33.70 -16.70
CA GLU A 183 -22.60 34.62 -16.57
C GLU A 183 -21.36 34.21 -17.37
N GLU A 184 -20.59 35.23 -17.72
CA GLU A 184 -19.35 35.09 -18.46
C GLU A 184 -18.20 35.20 -17.46
N GLY A 185 -16.98 35.05 -17.98
CA GLY A 185 -15.78 34.98 -17.17
C GLY A 185 -15.47 33.54 -16.81
N PHE A 186 -15.89 32.60 -17.69
CA PHE A 186 -15.62 31.16 -17.56
C PHE A 186 -15.02 30.59 -18.84
N PHE A 187 -14.43 29.40 -18.70
CA PHE A 187 -13.80 28.70 -19.82
C PHE A 187 -13.78 27.18 -19.60
N LYS A 188 -13.54 26.46 -20.70
CA LYS A 188 -13.47 25.00 -20.69
C LYS A 188 -12.32 24.55 -21.56
N TYR A 189 -11.43 23.74 -20.98
CA TYR A 189 -10.35 23.12 -21.72
C TYR A 189 -10.97 22.04 -22.61
N ARG A 190 -10.41 21.88 -23.83
CA ARG A 190 -10.87 20.85 -24.78
CA ARG A 190 -10.87 20.89 -24.83
C ARG A 190 -9.70 20.14 -25.47
N VAL A 191 -9.90 18.86 -25.78
CA VAL A 191 -8.86 18.01 -26.37
C VAL A 191 -8.49 18.46 -27.79
N ASP A 192 -7.18 18.68 -27.99
CA ASP A 192 -6.61 19.05 -29.28
C ASP A 192 -6.28 17.73 -29.98
N PHE A 193 -7.26 17.21 -30.73
CA PHE A 193 -7.11 15.95 -31.47
C PHE A 193 -6.13 16.05 -32.65
N GLU A 194 -5.96 17.24 -33.23
CA GLU A 194 -4.96 17.48 -34.32
C GLU A 194 -3.57 17.12 -33.78
N ALA A 195 -3.21 17.75 -32.66
CA ALA A 195 -1.92 17.54 -31.98
C ALA A 195 -1.69 16.11 -31.48
N LEU A 196 -2.72 15.54 -30.83
CA LEU A 196 -2.64 14.19 -30.24
C LEU A 196 -2.51 13.08 -31.29
N GLU A 197 -3.38 13.14 -32.30
CA GLU A 197 -3.48 12.08 -33.32
C GLU A 197 -2.26 12.04 -34.25
N ASN A 198 -1.54 13.16 -34.33
CA ASN A 198 -0.27 13.30 -35.07
C ASN A 198 1.00 13.25 -34.21
N LEU A 199 0.87 13.04 -32.90
CA LEU A 199 2.03 12.91 -32.00
C LEU A 199 2.94 11.76 -32.51
N PRO A 200 4.24 12.05 -32.80
CA PRO A 200 5.17 11.02 -33.28
C PRO A 200 5.29 9.77 -32.40
N ALA A 201 5.32 9.97 -31.08
CA ALA A 201 5.33 8.86 -30.13
C ALA A 201 4.14 7.90 -30.36
N LEU A 202 2.96 8.45 -30.65
CA LEU A 202 1.74 7.65 -30.90
C LEU A 202 1.82 6.88 -32.22
N LYS A 203 2.14 7.59 -33.31
CA LYS A 203 2.29 6.95 -34.65
C LYS A 203 3.38 5.85 -34.66
N GLU A 204 4.52 6.14 -34.02
CA GLU A 204 5.70 5.22 -33.99
C GLU A 204 5.67 4.05 -32.96
N GLY A 205 4.58 3.90 -32.21
CA GLY A 205 4.43 2.79 -31.24
C GLY A 205 5.13 2.94 -29.90
N ARG A 206 5.37 4.19 -29.47
CA ARG A 206 6.06 4.52 -28.21
CA ARG A 206 6.05 4.47 -28.19
C ARG A 206 5.13 5.04 -27.10
N ILE A 207 3.82 4.72 -27.19
CA ILE A 207 2.82 5.10 -26.17
C ILE A 207 2.25 3.77 -25.66
N GLY A 208 2.41 3.50 -24.36
CA GLY A 208 1.91 2.25 -23.75
C GLY A 208 0.44 2.24 -23.31
N ALA A 209 -0.10 3.40 -22.94
CA ALA A 209 -1.49 3.56 -22.52
C ALA A 209 -1.92 5.01 -22.62
N ILE A 210 -3.23 5.26 -22.59
CA ILE A 210 -3.79 6.61 -22.55
C ILE A 210 -4.45 6.72 -21.17
N CYS A 211 -4.30 7.89 -20.52
CA CYS A 211 -4.91 8.11 -19.20
C CYS A 211 -5.44 9.53 -18.96
N CYS A 212 -6.55 9.61 -18.22
CA CYS A 212 -7.12 10.88 -17.78
C CYS A 212 -8.10 10.74 -16.63
N SER A 213 -8.32 11.85 -15.90
CA SER A 213 -9.25 11.94 -14.79
C SER A 213 -10.53 12.59 -15.28
N ARG A 214 -11.68 12.06 -14.82
CA ARG A 214 -13.00 12.51 -15.24
C ARG A 214 -14.02 12.38 -14.08
N PRO A 215 -14.36 13.51 -13.41
CA PRO A 215 -13.83 14.89 -13.56
C PRO A 215 -12.37 15.00 -13.16
N THR A 216 -11.73 16.08 -13.65
CA THR A 216 -10.32 16.29 -13.48
C THR A 216 -9.94 17.13 -12.26
N ASN A 217 -8.89 16.69 -11.58
CA ASN A 217 -8.18 17.41 -10.53
C ASN A 217 -7.05 17.95 -11.42
N PRO A 218 -6.80 19.27 -11.41
CA PRO A 218 -7.31 20.38 -10.62
C PRO A 218 -8.38 21.28 -11.23
N THR A 219 -8.82 20.98 -12.44
CA THR A 219 -9.64 21.90 -13.23
C THR A 219 -11.11 21.91 -12.98
N GLY A 220 -11.66 20.75 -12.61
CA GLY A 220 -13.08 20.56 -12.51
C GLY A 220 -13.69 20.23 -13.90
N ASN A 221 -12.83 20.00 -14.90
CA ASN A 221 -13.26 19.72 -16.26
C ASN A 221 -13.77 18.30 -16.39
N VAL A 222 -14.86 18.14 -17.16
CA VAL A 222 -15.41 16.83 -17.50
C VAL A 222 -15.25 16.70 -19.00
N LEU A 223 -14.38 15.78 -19.43
CA LEU A 223 -14.20 15.45 -20.85
C LEU A 223 -15.55 14.95 -21.33
N THR A 224 -15.96 15.44 -22.49
CA THR A 224 -17.30 15.18 -23.06
C THR A 224 -17.44 13.73 -23.54
N ASP A 225 -18.67 13.25 -23.56
CA ASP A 225 -18.98 11.92 -24.12
C ASP A 225 -18.35 11.71 -25.51
N GLU A 226 -18.44 12.75 -26.36
CA GLU A 226 -17.85 12.69 -27.72
CA GLU A 226 -17.86 12.68 -27.72
C GLU A 226 -16.33 12.63 -27.65
N GLU A 227 -15.73 13.39 -26.73
CA GLU A 227 -14.26 13.36 -26.53
C GLU A 227 -13.77 11.98 -26.05
N MSE A 228 -14.51 11.37 -25.13
CA MSE A 228 -14.19 10.01 -24.64
C MSE A 228 -14.32 8.90 -25.69
O MSE A 228 -13.50 7.97 -25.72
CB MSE A 228 -15.03 9.63 -23.41
CG MSE A 228 -14.77 10.49 -22.18
SE MSE A 228 -12.93 10.68 -21.56
CE MSE A 228 -12.47 8.80 -21.62
N ALA A 229 -15.34 9.00 -26.55
CA ALA A 229 -15.57 8.04 -27.63
C ALA A 229 -14.39 8.04 -28.59
N HIS A 230 -13.95 9.24 -28.95
CA HIS A 230 -12.81 9.45 -29.87
C HIS A 230 -11.55 8.81 -29.25
N LEU A 231 -11.29 9.09 -27.97
CA LEU A 231 -10.11 8.51 -27.27
C LEU A 231 -10.15 6.98 -27.23
N ALA A 232 -11.34 6.41 -27.00
CA ALA A 232 -11.52 4.95 -27.04
C ALA A 232 -11.18 4.35 -28.44
N GLU A 233 -11.52 5.05 -29.53
CA GLU A 233 -11.15 4.60 -30.91
C GLU A 233 -9.65 4.65 -31.10
N ILE A 234 -9.06 5.82 -30.79
CA ILE A 234 -7.61 6.04 -30.89
C ILE A 234 -6.88 4.96 -30.11
N ALA A 235 -7.31 4.72 -28.87
CA ALA A 235 -6.71 3.66 -28.03
C ALA A 235 -6.81 2.28 -28.68
N LYS A 236 -7.99 1.93 -29.20
CA LYS A 236 -8.19 0.61 -29.83
C LYS A 236 -7.30 0.43 -31.08
N ARG A 237 -7.16 1.50 -31.87
CA ARG A 237 -6.35 1.49 -33.09
C ARG A 237 -4.91 1.13 -32.82
N TYR A 238 -4.33 1.76 -31.78
CA TYR A 238 -2.93 1.53 -31.40
C TYR A 238 -2.65 0.37 -30.41
N ASP A 239 -3.61 -0.54 -30.19
CA ASP A 239 -3.46 -1.67 -29.22
C ASP A 239 -2.95 -1.25 -27.86
N ILE A 240 -3.58 -0.21 -27.31
CA ILE A 240 -3.24 0.29 -25.98
C ILE A 240 -4.53 0.58 -25.21
N PRO A 241 -4.53 0.36 -23.88
CA PRO A 241 -5.75 0.63 -23.13
C PRO A 241 -5.96 2.10 -22.82
N LEU A 242 -7.21 2.41 -22.48
CA LEU A 242 -7.65 3.73 -22.02
C LEU A 242 -7.94 3.60 -20.52
N ILE A 243 -7.08 4.20 -19.69
CA ILE A 243 -7.20 4.20 -18.25
C ILE A 243 -8.03 5.43 -17.93
N ILE A 244 -9.07 5.27 -17.09
CA ILE A 244 -9.95 6.40 -16.69
C ILE A 244 -10.08 6.45 -15.16
N ASP A 245 -9.64 7.58 -14.59
CA ASP A 245 -9.65 7.83 -13.14
C ASP A 245 -10.97 8.49 -12.75
N ASN A 246 -11.88 7.72 -12.10
CA ASN A 246 -13.17 8.25 -11.59
C ASN A 246 -13.14 8.56 -10.11
N ALA A 247 -12.03 9.06 -9.59
CA ALA A 247 -11.98 9.40 -8.16
C ALA A 247 -13.22 10.22 -7.70
N TYR A 248 -13.64 11.18 -8.54
CA TYR A 248 -14.77 12.11 -8.27
C TYR A 248 -16.01 11.87 -9.12
N GLY A 249 -15.99 10.82 -9.95
CA GLY A 249 -17.02 10.58 -10.94
C GLY A 249 -18.10 9.58 -10.62
N MSE A 250 -18.74 9.09 -11.66
CA MSE A 250 -19.83 8.14 -11.55
C MSE A 250 -19.30 6.74 -11.26
O MSE A 250 -18.13 6.43 -11.61
CB MSE A 250 -20.61 8.04 -12.85
CG MSE A 250 -21.25 9.33 -13.31
SE MSE A 250 -21.41 9.34 -15.21
CE MSE A 250 -19.48 9.30 -15.67
N PRO A 251 -20.11 5.89 -10.59
CA PRO A 251 -21.43 6.13 -9.97
C PRO A 251 -21.35 6.72 -8.54
N PHE A 252 -20.17 6.64 -7.90
CA PHE A 252 -19.90 7.23 -6.58
C PHE A 252 -18.49 7.78 -6.63
N PRO A 253 -18.24 8.99 -6.07
CA PRO A 253 -19.14 9.90 -5.37
C PRO A 253 -20.06 10.72 -6.28
N ASN A 254 -19.96 10.54 -7.60
CA ASN A 254 -20.84 11.18 -8.60
C ASN A 254 -20.83 12.70 -8.47
N ILE A 255 -19.65 13.28 -8.26
CA ILE A 255 -19.50 14.74 -8.12
C ILE A 255 -19.30 15.30 -9.55
N ILE A 256 -20.34 15.15 -10.38
CA ILE A 256 -20.39 15.58 -11.79
C ILE A 256 -21.66 16.38 -11.96
N TYR A 257 -21.54 17.61 -12.45
CA TYR A 257 -22.69 18.48 -12.63
C TYR A 257 -23.09 18.69 -14.11
N SER A 258 -22.48 17.97 -15.04
CA SER A 258 -22.83 18.05 -16.48
C SER A 258 -23.08 16.65 -17.05
N ASP A 259 -23.80 16.60 -18.16
CA ASP A 259 -24.21 15.32 -18.80
C ASP A 259 -23.03 14.43 -19.17
N ALA A 260 -22.97 13.20 -18.65
CA ALA A 260 -21.89 12.23 -18.95
C ALA A 260 -22.34 10.78 -18.80
N HIS A 261 -21.67 9.88 -19.51
CA HIS A 261 -21.93 8.45 -19.41
C HIS A 261 -20.67 7.68 -18.97
N LEU A 262 -20.85 6.70 -18.07
CA LEU A 262 -19.76 5.84 -17.62
C LEU A 262 -19.84 4.62 -18.53
N ASN A 263 -18.81 4.45 -19.36
CA ASN A 263 -18.71 3.31 -20.28
C ASN A 263 -17.48 2.44 -19.97
N TRP A 264 -17.55 1.19 -20.42
CA TRP A 264 -16.51 0.21 -20.25
C TRP A 264 -16.56 -0.89 -21.31
N ASP A 265 -15.36 -1.44 -21.58
CA ASP A 265 -15.15 -2.63 -22.42
C ASP A 265 -13.78 -3.23 -22.03
N ASN A 266 -13.36 -4.33 -22.67
CA ASN A 266 -12.08 -4.98 -22.31
C ASN A 266 -10.79 -4.18 -22.59
N ASN A 267 -10.88 -3.09 -23.36
CA ASN A 267 -9.73 -2.22 -23.57
C ASN A 267 -9.80 -0.95 -22.66
N THR A 268 -10.67 -0.97 -21.64
CA THR A 268 -10.80 0.15 -20.70
C THR A 268 -10.39 -0.31 -19.30
N ILE A 269 -9.65 0.53 -18.58
CA ILE A 269 -9.24 0.29 -17.19
C ILE A 269 -9.89 1.43 -16.40
N LEU A 270 -11.00 1.15 -15.70
CA LEU A 270 -11.74 2.14 -14.89
C LEU A 270 -11.28 2.07 -13.45
N CYS A 271 -10.79 3.18 -12.93
CA CYS A 271 -10.34 3.28 -11.54
C CYS A 271 -11.36 4.07 -10.73
N PHE A 272 -11.79 3.50 -9.61
CA PHE A 272 -12.68 4.15 -8.65
C PHE A 272 -11.98 4.20 -7.32
N SER A 273 -12.56 4.93 -6.39
CA SER A 273 -12.02 5.09 -5.04
C SER A 273 -13.13 5.34 -4.04
N LEU A 274 -12.88 4.95 -2.79
CA LEU A 274 -13.77 5.23 -1.65
C LEU A 274 -13.33 6.52 -0.91
N SER A 275 -12.24 7.16 -1.37
CA SER A 275 -11.73 8.37 -0.72
C SER A 275 -12.67 9.57 -0.80
N LYS A 276 -13.21 9.80 -1.98
CA LYS A 276 -14.03 10.98 -2.20
C LYS A 276 -15.51 10.84 -1.87
N ILE A 277 -15.93 9.64 -1.45
CA ILE A 277 -17.25 9.46 -0.86
C ILE A 277 -17.16 9.80 0.62
N GLY A 278 -15.93 9.94 1.15
CA GLY A 278 -15.64 10.29 2.53
C GLY A 278 -14.80 9.31 3.35
N LEU A 279 -14.15 8.31 2.74
CA LEU A 279 -13.32 7.30 3.47
C LEU A 279 -11.84 7.28 3.03
N PRO A 280 -11.19 8.46 2.88
CA PRO A 280 -9.82 8.48 2.40
C PRO A 280 -8.83 7.83 3.35
N GLY A 281 -9.14 7.84 4.65
CA GLY A 281 -8.28 7.25 5.66
C GLY A 281 -8.15 5.75 5.57
N MSE A 282 -9.14 5.12 4.93
CA MSE A 282 -9.18 3.67 4.71
C MSE A 282 -8.34 3.17 3.54
O MSE A 282 -8.05 1.98 3.48
CB MSE A 282 -10.61 3.22 4.48
CG MSE A 282 -11.61 3.55 5.58
SE MSE A 282 -11.14 2.79 7.29
CE MSE A 282 -13.01 2.44 7.74
N ARG A 283 -8.00 4.04 2.58
CA ARG A 283 -7.15 3.70 1.43
C ARG A 283 -7.68 2.54 0.60
N THR A 284 -8.83 2.74 -0.06
CA THR A 284 -9.43 1.71 -0.95
C THR A 284 -9.61 2.22 -2.37
N GLY A 285 -8.85 1.64 -3.29
CA GLY A 285 -8.97 1.89 -4.73
C GLY A 285 -9.63 0.67 -5.36
N ILE A 286 -10.41 0.88 -6.43
CA ILE A 286 -11.11 -0.17 -7.13
C ILE A 286 -10.72 -0.11 -8.61
N ILE A 287 -10.33 -1.23 -9.21
CA ILE A 287 -9.97 -1.31 -10.64
C ILE A 287 -10.93 -2.28 -11.34
N VAL A 288 -11.60 -1.81 -12.40
CA VAL A 288 -12.43 -2.64 -13.27
C VAL A 288 -11.68 -2.74 -14.62
N ALA A 289 -11.31 -3.96 -15.02
CA ALA A 289 -10.49 -4.19 -16.24
C ALA A 289 -10.57 -5.59 -16.77
N ASP A 290 -9.87 -5.84 -17.88
CA ASP A 290 -9.74 -7.17 -18.45
C ASP A 290 -8.99 -8.04 -17.44
N ALA A 291 -9.33 -9.34 -17.42
CA ALA A 291 -8.69 -10.34 -16.54
C ALA A 291 -7.16 -10.23 -16.51
N LYS A 292 -6.58 -10.03 -17.70
CA LYS A 292 -5.13 -9.89 -17.89
CA LYS A 292 -5.12 -9.94 -17.84
C LYS A 292 -4.55 -8.78 -17.00
N VAL A 293 -5.23 -7.63 -16.96
CA VAL A 293 -4.81 -6.48 -16.14
C VAL A 293 -5.00 -6.77 -14.62
N ILE A 294 -6.12 -7.41 -14.25
CA ILE A 294 -6.43 -7.74 -12.85
C ILE A 294 -5.44 -8.76 -12.29
N GLU A 295 -5.06 -9.76 -13.09
CA GLU A 295 -4.03 -10.73 -12.67
C GLU A 295 -2.70 -10.04 -12.37
N ALA A 296 -2.34 -9.07 -13.20
CA ALA A 296 -1.11 -8.25 -13.01
C ALA A 296 -1.16 -7.50 -11.69
N VAL A 297 -2.29 -6.82 -11.44
CA VAL A 297 -2.51 -6.06 -10.20
C VAL A 297 -2.45 -6.97 -8.98
N SER A 298 -3.09 -8.12 -9.09
CA SER A 298 -3.11 -9.15 -8.03
CA SER A 298 -3.11 -9.08 -7.99
C SER A 298 -1.70 -9.58 -7.68
N ALA A 299 -0.92 -9.95 -8.72
CA ALA A 299 0.46 -10.41 -8.54
C ALA A 299 1.34 -9.32 -7.91
N MSE A 300 1.15 -8.08 -8.35
CA MSE A 300 1.84 -6.92 -7.77
C MSE A 300 1.46 -6.66 -6.28
O MSE A 300 2.34 -6.37 -5.46
CB MSE A 300 1.60 -5.66 -8.62
CG MSE A 300 2.38 -5.65 -9.91
SE MSE A 300 1.97 -4.06 -10.94
CE MSE A 300 3.01 -4.40 -12.55
N ASN A 301 0.17 -6.74 -5.96
CA ASN A 301 -0.31 -6.66 -4.56
C ASN A 301 0.38 -7.68 -3.70
N ALA A 302 0.43 -8.93 -4.16
CA ALA A 302 1.13 -10.03 -3.44
C ALA A 302 2.56 -9.67 -3.03
N VAL A 303 3.32 -9.08 -3.95
CA VAL A 303 4.74 -8.77 -3.71
C VAL A 303 4.91 -7.47 -2.91
N VAL A 304 4.22 -6.41 -3.32
CA VAL A 304 4.35 -5.09 -2.69
C VAL A 304 3.62 -4.97 -1.38
N ASN A 305 2.44 -5.59 -1.28
CA ASN A 305 1.53 -5.44 -0.13
C ASN A 305 1.08 -6.68 0.63
N LEU A 306 1.36 -7.87 0.11
CA LEU A 306 0.83 -9.16 0.62
C LEU A 306 -0.65 -9.22 0.20
N ALA A 307 -1.47 -8.34 0.75
CA ALA A 307 -2.87 -8.18 0.35
C ALA A 307 -3.26 -6.71 0.58
N PRO A 308 -4.26 -6.21 -0.14
CA PRO A 308 -4.62 -4.83 0.13
C PRO A 308 -5.45 -4.73 1.41
N THR A 309 -5.65 -3.50 1.82
CA THR A 309 -6.42 -3.16 3.02
C THR A 309 -7.87 -3.58 2.84
N ARG A 310 -8.56 -3.88 3.93
CA ARG A 310 -9.97 -4.30 3.78
C ARG A 310 -11.03 -3.60 4.61
N PHE A 311 -10.68 -2.66 5.46
CA PHE A 311 -11.70 -2.08 6.28
C PHE A 311 -12.62 -1.13 5.54
N GLY A 312 -12.09 -0.47 4.49
CA GLY A 312 -12.88 0.35 3.62
C GLY A 312 -13.93 -0.53 2.93
N ALA A 313 -13.46 -1.67 2.41
CA ALA A 313 -14.31 -2.71 1.83
C ALA A 313 -15.41 -3.16 2.79
N ALA A 314 -15.05 -3.36 4.06
CA ALA A 314 -15.99 -3.82 5.08
C ALA A 314 -17.14 -2.83 5.26
N ILE A 315 -16.84 -1.53 5.33
CA ILE A 315 -17.89 -0.51 5.45
C ILE A 315 -18.74 -0.45 4.18
N ALA A 316 -18.08 -0.40 3.04
CA ALA A 316 -18.75 -0.15 1.75
C ALA A 316 -19.56 -1.29 1.20
N THR A 317 -19.20 -2.53 1.55
CA THR A 317 -19.89 -3.74 1.05
C THR A 317 -21.42 -3.70 1.17
N PRO A 318 -21.99 -3.49 2.38
CA PRO A 318 -23.44 -3.43 2.51
C PRO A 318 -24.07 -2.22 1.81
N LEU A 319 -23.37 -1.08 1.75
CA LEU A 319 -23.88 0.11 1.07
C LEU A 319 -23.89 -0.06 -0.47
N VAL A 320 -23.04 -0.96 -1.00
CA VAL A 320 -23.03 -1.30 -2.45
C VAL A 320 -24.18 -2.29 -2.70
N ALA A 321 -24.29 -3.33 -1.85
CA ALA A 321 -25.36 -4.34 -1.93
C ALA A 321 -26.76 -3.76 -2.02
N ASN A 322 -27.04 -2.71 -1.26
CA ASN A 322 -28.39 -2.11 -1.25
C ASN A 322 -28.50 -0.75 -1.98
N ASP A 323 -27.51 -0.41 -2.80
CA ASP A 323 -27.43 0.87 -3.52
C ASP A 323 -27.40 2.16 -2.66
N ARG A 324 -27.25 2.06 -1.34
CA ARG A 324 -27.20 3.28 -0.51
C ARG A 324 -25.95 4.12 -0.80
N ILE A 325 -24.87 3.49 -1.32
CA ILE A 325 -23.67 4.22 -1.74
C ILE A 325 -24.00 5.24 -2.85
N LYS A 326 -24.88 4.83 -3.78
CA LYS A 326 -25.37 5.68 -4.88
C LYS A 326 -26.30 6.80 -4.35
N GLN A 327 -27.22 6.46 -3.44
CA GLN A 327 -28.15 7.43 -2.86
C GLN A 327 -27.42 8.47 -2.03
N LEU A 328 -26.44 8.02 -1.26
CA LEU A 328 -25.58 8.89 -0.49
C LEU A 328 -24.85 9.91 -1.43
N SER A 329 -24.33 9.42 -2.55
CA SER A 329 -23.63 10.25 -3.52
C SER A 329 -24.53 11.29 -4.19
N ASP A 330 -25.70 10.86 -4.64
CA ASP A 330 -26.64 11.72 -5.33
C ASP A 330 -27.34 12.72 -4.43
N ASN A 331 -27.75 12.29 -3.23
CA ASN A 331 -28.54 13.16 -2.32
C ASN A 331 -27.74 14.07 -1.40
N GLU A 332 -26.53 13.63 -0.99
CA GLU A 332 -25.74 14.36 0.01
C GLU A 332 -24.44 14.91 -0.55
N ILE A 333 -23.59 14.05 -1.13
CA ILE A 333 -22.27 14.48 -1.60
C ILE A 333 -22.34 15.47 -2.79
N LYS A 334 -22.97 15.04 -3.89
CA LYS A 334 -23.09 15.88 -5.12
C LYS A 334 -23.69 17.27 -4.85
N PRO A 335 -24.81 17.36 -4.12
CA PRO A 335 -25.34 18.69 -3.81
C PRO A 335 -24.47 19.53 -2.87
N PHE A 336 -23.84 18.91 -1.87
CA PHE A 336 -22.95 19.63 -0.95
C PHE A 336 -21.92 20.43 -1.74
N TYR A 337 -21.17 19.74 -2.62
CA TYR A 337 -20.13 20.39 -3.44
C TYR A 337 -20.65 21.43 -4.46
N GLN A 338 -21.83 21.23 -5.03
CA GLN A 338 -22.37 22.24 -5.95
C GLN A 338 -22.63 23.58 -5.25
N LYS A 339 -23.29 23.52 -4.10
CA LYS A 339 -23.54 24.72 -3.28
C LYS A 339 -22.23 25.40 -2.82
N GLN A 340 -21.22 24.61 -2.45
CA GLN A 340 -19.89 25.16 -2.09
C GLN A 340 -19.21 25.89 -3.27
N ALA A 341 -19.25 25.27 -4.46
CA ALA A 341 -18.68 25.87 -5.68
C ALA A 341 -19.41 27.15 -6.04
N THR A 342 -20.74 27.12 -5.95
CA THR A 342 -21.60 28.29 -6.22
C THR A 342 -21.26 29.46 -5.30
N LEU A 343 -21.17 29.16 -4.01
CA LEU A 343 -20.77 30.11 -2.97
C LEU A 343 -19.39 30.71 -3.27
N ALA A 344 -18.44 29.84 -3.63
CA ALA A 344 -17.08 30.27 -3.96
C ALA A 344 -17.05 31.20 -5.18
N VAL A 345 -17.80 30.86 -6.24
CA VAL A 345 -17.89 31.71 -7.46
C VAL A 345 -18.44 33.11 -7.14
N LYS A 346 -19.51 33.14 -6.33
CA LYS A 346 -20.16 34.39 -5.86
C LYS A 346 -19.09 35.27 -5.23
N LEU A 347 -18.39 34.69 -4.24
CA LEU A 347 -17.33 35.40 -3.49
C LEU A 347 -16.16 35.87 -4.38
N LEU A 348 -15.75 35.03 -5.33
CA LEU A 348 -14.65 35.39 -6.27
C LEU A 348 -15.07 36.56 -7.18
N LYS A 349 -16.32 36.54 -7.65
CA LYS A 349 -16.87 37.64 -8.45
C LYS A 349 -17.06 38.96 -7.66
N GLN A 350 -17.21 38.91 -6.34
CA GLN A 350 -17.25 40.16 -5.52
C GLN A 350 -15.85 40.73 -5.34
N ALA A 351 -14.86 39.85 -5.14
CA ALA A 351 -13.45 40.25 -4.96
C ALA A 351 -12.82 40.77 -6.28
N LEU A 352 -12.82 39.91 -7.29
CA LEU A 352 -12.26 40.18 -8.62
C LEU A 352 -13.52 40.35 -9.49
N GLY A 353 -13.55 39.96 -10.78
CA GLY A 353 -14.83 40.11 -11.54
C GLY A 353 -14.79 41.34 -12.42
N ASP A 354 -14.34 42.47 -11.85
CA ASP A 354 -13.97 43.65 -12.65
C ASP A 354 -12.57 43.41 -13.25
N TYR A 355 -11.81 42.46 -12.70
CA TYR A 355 -10.45 42.15 -13.08
C TYR A 355 -10.37 40.95 -14.06
N PRO A 356 -9.16 40.66 -14.60
CA PRO A 356 -9.01 39.55 -15.58
C PRO A 356 -9.09 38.10 -15.05
N LEU A 357 -9.94 37.84 -14.07
CA LEU A 357 -10.13 36.50 -13.53
C LEU A 357 -11.04 35.76 -14.48
N MSE A 358 -10.59 34.57 -14.87
CA MSE A 358 -11.41 33.60 -15.58
C MSE A 358 -11.46 32.42 -14.58
O MSE A 358 -10.50 32.18 -13.84
CB MSE A 358 -10.75 33.16 -16.89
CG MSE A 358 -10.53 34.28 -17.89
SE MSE A 358 -12.18 34.90 -18.71
CE MSE A 358 -12.55 33.41 -19.92
N ILE A 359 -12.60 31.74 -14.53
CA ILE A 359 -12.83 30.58 -13.69
C ILE A 359 -13.18 29.42 -14.61
N HIS A 360 -12.61 28.23 -14.42
CA HIS A 360 -12.95 27.11 -15.28
C HIS A 360 -14.37 26.70 -14.90
N LYS A 361 -15.19 26.37 -15.91
CA LYS A 361 -16.57 25.93 -15.65
C LYS A 361 -16.49 24.74 -14.69
N PRO A 362 -17.10 24.85 -13.48
CA PRO A 362 -17.01 23.77 -12.50
C PRO A 362 -17.97 22.64 -12.83
N GLU A 363 -17.51 21.70 -13.63
CA GLU A 363 -18.34 20.54 -14.05
C GLU A 363 -18.21 19.32 -13.11
N GLY A 364 -17.36 19.42 -12.08
CA GLY A 364 -17.13 18.34 -11.16
C GLY A 364 -15.93 18.46 -10.25
N ALA A 365 -15.71 17.42 -9.43
CA ALA A 365 -14.63 17.39 -8.46
C ALA A 365 -14.84 18.47 -7.38
N ILE A 366 -13.84 18.72 -6.55
CA ILE A 366 -13.99 19.55 -5.35
C ILE A 366 -13.10 20.79 -5.32
N PHE A 367 -12.78 21.30 -6.51
CA PHE A 367 -11.87 22.44 -6.67
C PHE A 367 -12.39 23.46 -7.66
N LEU A 368 -11.99 24.72 -7.47
CA LEU A 368 -12.15 25.76 -8.50
C LEU A 368 -10.72 26.07 -9.07
N TRP A 369 -10.64 26.19 -10.39
CA TRP A 369 -9.39 26.46 -11.11
C TRP A 369 -9.51 27.89 -11.65
N LEU A 370 -8.70 28.79 -11.07
CA LEU A 370 -8.73 30.23 -11.35
C LEU A 370 -7.59 30.59 -12.28
N TRP A 371 -7.90 31.35 -13.35
CA TRP A 371 -6.93 31.84 -14.35
C TRP A 371 -6.87 33.38 -14.35
N PHE A 372 -5.74 33.91 -13.90
CA PHE A 372 -5.47 35.35 -13.85
C PHE A 372 -4.76 35.73 -15.16
N LYS A 373 -5.51 36.20 -16.16
CA LYS A 373 -4.90 36.62 -17.45
C LYS A 373 -3.89 37.76 -17.23
N ASP A 374 -2.67 37.60 -17.76
CA ASP A 374 -1.58 38.63 -17.70
C ASP A 374 -1.18 39.07 -16.29
N LEU A 375 -1.07 38.10 -15.37
CA LEU A 375 -0.71 38.40 -13.98
C LEU A 375 0.76 38.87 -13.99
N PRO A 376 1.07 40.02 -13.33
CA PRO A 376 2.48 40.51 -13.35
C PRO A 376 3.52 39.61 -12.68
N ILE A 377 3.09 38.71 -11.79
CA ILE A 377 3.95 37.72 -11.16
C ILE A 377 3.49 36.33 -11.61
N SER A 378 4.31 35.32 -11.37
CA SER A 378 3.93 33.93 -11.67
C SER A 378 3.05 33.45 -10.51
N THR A 379 2.19 32.46 -10.78
CA THR A 379 1.34 31.90 -9.72
C THR A 379 2.16 31.18 -8.64
N LEU A 380 3.35 30.68 -8.97
CA LEU A 380 4.28 30.15 -7.94
C LEU A 380 4.71 31.26 -6.96
N ASP A 381 4.82 32.48 -7.48
CA ASP A 381 5.17 33.67 -6.72
C ASP A 381 3.95 34.13 -5.90
N LEU A 382 2.77 34.11 -6.53
CA LEU A 382 1.50 34.40 -5.84
C LEU A 382 1.32 33.45 -4.64
N TYR A 383 1.57 32.17 -4.86
CA TYR A 383 1.51 31.15 -3.78
C TYR A 383 2.38 31.52 -2.57
N GLU A 384 3.60 31.99 -2.81
CA GLU A 384 4.54 32.39 -1.75
C GLU A 384 4.02 33.60 -0.97
N ARG A 385 3.47 34.57 -1.68
CA ARG A 385 2.92 35.79 -1.06
C ARG A 385 1.70 35.51 -0.20
N LEU A 386 0.80 34.67 -0.72
CA LEU A 386 -0.40 34.23 0.02
C LEU A 386 0.00 33.39 1.25
N LYS A 387 0.99 32.50 1.09
CA LYS A 387 1.49 31.65 2.20
C LYS A 387 2.02 32.48 3.37
N ALA A 388 2.74 33.56 3.05
CA ALA A 388 3.25 34.53 4.05
C ALA A 388 2.14 35.35 4.73
N LYS A 389 0.93 35.43 4.11
CA LYS A 389 -0.27 36.08 4.68
C LYS A 389 -1.33 35.05 5.18
N GLY A 390 -0.89 33.83 5.48
CA GLY A 390 -1.74 32.78 6.02
C GLY A 390 -2.70 32.00 5.14
N THR A 391 -2.79 32.30 3.84
CA THR A 391 -3.71 31.59 2.91
C THR A 391 -2.94 30.65 1.95
N LEU A 392 -3.32 29.37 1.92
CA LEU A 392 -2.65 28.36 1.11
C LEU A 392 -3.51 27.86 -0.03
N ILE A 393 -3.00 27.99 -1.27
CA ILE A 393 -3.63 27.47 -2.48
C ILE A 393 -2.54 26.63 -3.18
N VAL A 394 -2.81 26.08 -4.35
CA VAL A 394 -1.79 25.33 -5.11
C VAL A 394 -1.52 26.04 -6.46
N PRO A 395 -0.23 26.33 -6.78
CA PRO A 395 0.07 27.00 -8.06
C PRO A 395 -0.03 26.02 -9.24
N SER A 396 -0.38 26.55 -10.41
CA SER A 396 -0.58 25.74 -11.62
C SER A 396 0.62 25.03 -12.25
N GLU A 397 1.84 25.52 -12.03
CA GLU A 397 2.99 24.92 -12.68
C GLU A 397 3.27 23.43 -12.37
N TYR A 398 2.66 22.88 -11.33
CA TYR A 398 2.83 21.45 -10.96
C TYR A 398 1.79 20.50 -11.54
N PHE A 399 0.84 21.01 -12.32
CA PHE A 399 -0.25 20.19 -12.89
C PHE A 399 -0.09 19.90 -14.37
N PHE A 400 1.13 19.89 -14.88
CA PHE A 400 1.42 19.59 -16.28
C PHE A 400 2.53 18.53 -16.30
N PRO A 401 2.18 17.26 -16.00
CA PRO A 401 3.17 16.19 -16.00
C PRO A 401 3.78 15.95 -17.38
N GLY A 402 5.10 15.86 -17.41
CA GLY A 402 5.83 15.64 -18.65
C GLY A 402 5.93 16.83 -19.60
N VAL A 403 5.49 18.03 -19.18
CA VAL A 403 5.57 19.22 -20.00
C VAL A 403 6.61 20.15 -19.39
N ASP A 404 7.48 20.70 -20.25
CA ASP A 404 8.48 21.69 -19.84
C ASP A 404 7.70 23.01 -19.67
N VAL A 405 7.42 23.34 -18.41
CA VAL A 405 6.67 24.55 -18.05
C VAL A 405 7.53 25.80 -17.89
N SER A 406 8.85 25.73 -18.10
CA SER A 406 9.73 26.89 -17.90
C SER A 406 9.38 28.12 -18.73
N ASP A 407 8.88 27.92 -19.97
CA ASP A 407 8.43 29.03 -20.84
C ASP A 407 6.99 28.78 -21.35
N TYR A 408 6.11 28.41 -20.42
CA TYR A 408 4.68 28.15 -20.71
C TYR A 408 3.88 29.14 -19.88
N GLN A 409 3.49 30.26 -20.51
CA GLN A 409 2.76 31.36 -19.84
C GLN A 409 1.54 30.86 -19.06
N HIS A 410 0.67 30.12 -19.74
CA HIS A 410 -0.55 29.62 -19.14
C HIS A 410 -0.31 28.78 -17.87
N ALA A 411 0.76 27.98 -17.86
CA ALA A 411 1.14 27.18 -16.68
C ALA A 411 1.61 28.01 -15.47
N HIS A 412 1.88 29.30 -15.66
CA HIS A 412 2.26 30.22 -14.57
C HIS A 412 1.16 31.23 -14.23
N GLU A 413 -0.05 31.06 -14.77
CA GLU A 413 -1.17 32.00 -14.57
C GLU A 413 -2.40 31.46 -13.83
N CYS A 414 -2.35 30.21 -13.35
CA CYS A 414 -3.51 29.65 -12.65
C CYS A 414 -3.22 29.15 -11.23
N ILE A 415 -4.31 28.99 -10.46
CA ILE A 415 -4.24 28.39 -9.12
C ILE A 415 -5.39 27.39 -8.93
N ARG A 416 -5.15 26.34 -8.13
CA ARG A 416 -6.21 25.40 -7.70
C ARG A 416 -6.62 25.81 -6.27
N MSE A 417 -7.93 25.87 -6.04
CA MSE A 417 -8.54 26.25 -4.76
C MSE A 417 -9.53 25.19 -4.33
O MSE A 417 -10.39 24.82 -5.13
CB MSE A 417 -9.28 27.57 -4.94
CG MSE A 417 -9.84 28.15 -3.65
SE MSE A 417 -10.78 29.80 -3.96
CE MSE A 417 -12.22 29.03 -4.97
N SER A 418 -9.44 24.69 -3.10
CA SER A 418 -10.38 23.67 -2.63
C SER A 418 -11.70 24.29 -2.16
N ILE A 419 -12.82 23.84 -2.75
CA ILE A 419 -14.16 24.25 -2.29
C ILE A 419 -14.75 23.24 -1.27
N ALA A 420 -13.96 22.26 -0.81
CA ALA A 420 -14.35 21.34 0.28
C ALA A 420 -14.23 22.03 1.64
N ALA A 421 -13.44 23.12 1.75
CA ALA A 421 -13.22 23.82 3.02
C ALA A 421 -14.50 24.44 3.58
N ASP A 422 -14.55 24.68 4.88
CA ASP A 422 -15.75 25.27 5.47
C ASP A 422 -15.92 26.71 4.96
N GLU A 423 -17.15 27.19 5.10
CA GLU A 423 -17.57 28.46 4.57
C GLU A 423 -16.68 29.61 5.03
N GLN A 424 -16.37 29.67 6.33
CA GLN A 424 -15.55 30.78 6.86
C GLN A 424 -14.12 30.79 6.27
N THR A 425 -13.55 29.61 5.98
CA THR A 425 -12.23 29.52 5.36
C THR A 425 -12.28 30.10 3.94
N LEU A 426 -13.33 29.77 3.18
CA LEU A 426 -13.52 30.29 1.81
C LEU A 426 -13.73 31.82 1.77
N ILE A 427 -14.47 32.37 2.74
CA ILE A 427 -14.70 33.83 2.82
C ILE A 427 -13.38 34.59 3.10
N ASP A 428 -12.68 34.15 4.16
CA ASP A 428 -11.40 34.73 4.58
C ASP A 428 -10.31 34.62 3.51
N GLY A 429 -10.16 33.41 2.95
CA GLY A 429 -9.17 33.09 1.93
C GLY A 429 -9.35 33.87 0.66
N ILE A 430 -10.58 33.88 0.14
CA ILE A 430 -10.91 34.63 -1.08
C ILE A 430 -10.73 36.15 -0.85
N LYS A 431 -11.05 36.65 0.36
CA LYS A 431 -10.83 38.08 0.70
C LYS A 431 -9.34 38.45 0.50
N VAL A 432 -8.43 37.61 1.04
CA VAL A 432 -6.96 37.82 0.92
C VAL A 432 -6.50 37.65 -0.52
N ILE A 433 -6.98 36.61 -1.21
CA ILE A 433 -6.71 36.39 -2.65
C ILE A 433 -7.13 37.62 -3.45
N GLY A 434 -8.28 38.19 -3.13
CA GLY A 434 -8.77 39.38 -3.82
C GLY A 434 -7.88 40.60 -3.60
N GLU A 435 -7.51 40.86 -2.35
CA GLU A 435 -6.69 42.02 -2.00
C GLU A 435 -5.32 41.95 -2.67
N VAL A 436 -4.64 40.80 -2.50
CA VAL A 436 -3.30 40.61 -3.08
C VAL A 436 -3.30 40.76 -4.62
N VAL A 437 -4.26 40.10 -5.29
CA VAL A 437 -4.35 40.11 -6.75
C VAL A 437 -4.77 41.46 -7.33
N ARG A 438 -5.75 42.13 -6.71
CA ARG A 438 -6.16 43.46 -7.16
C ARG A 438 -4.99 44.44 -7.06
N GLU A 439 -4.27 44.38 -5.94
CA GLU A 439 -3.09 45.25 -5.68
C GLU A 439 -2.02 45.05 -6.78
N LEU A 440 -1.81 43.80 -7.20
CA LEU A 440 -0.86 43.45 -8.29
C LEU A 440 -1.30 44.03 -9.63
N TYR A 441 -2.57 43.83 -10.01
CA TYR A 441 -3.09 44.39 -11.27
C TYR A 441 -3.12 45.93 -11.29
N ASP A 442 -3.36 46.55 -10.14
CA ASP A 442 -3.42 48.03 -10.03
C ASP A 442 -2.10 48.77 -10.23
N ASN A 443 -0.95 48.08 -10.20
CA ASN A 443 0.39 48.69 -10.40
C ASN A 443 1.13 48.02 -11.60
N LYS A 444 1.19 48.69 -12.75
CA LYS A 444 1.85 48.19 -13.99
C LYS A 444 1.62 46.69 -14.34
N GLY B 1 -1.96 -8.65 -27.54
CA GLY B 1 -3.22 -7.86 -27.36
C GLY B 1 -3.08 -6.70 -26.37
N MSE B 2 -2.45 -6.97 -25.23
CA MSE B 2 -2.17 -5.99 -24.17
C MSE B 2 -0.68 -6.12 -23.85
O MSE B 2 -0.27 -7.11 -23.21
CB MSE B 2 -2.99 -6.29 -22.93
CG MSE B 2 -4.38 -5.69 -22.88
SE MSE B 2 -4.56 -4.24 -21.63
CE MSE B 2 -6.41 -3.81 -22.05
N LYS B 3 0.12 -5.14 -24.27
CA LYS B 3 1.58 -5.20 -24.11
C LYS B 3 1.96 -4.58 -22.76
N PHE B 4 2.73 -5.31 -21.96
CA PHE B 4 3.25 -4.81 -20.68
C PHE B 4 4.71 -4.42 -20.81
N SER B 5 5.17 -3.60 -19.87
CA SER B 5 6.56 -3.18 -19.81
C SER B 5 7.44 -4.32 -19.26
N LYS B 6 8.76 -4.09 -19.23
CA LYS B 6 9.69 -5.04 -18.60
C LYS B 6 9.33 -5.19 -17.12
N PHE B 7 8.96 -4.06 -16.50
CA PHE B 7 8.47 -4.03 -15.13
C PHE B 7 7.26 -4.97 -14.97
N GLY B 8 6.26 -4.81 -15.84
CA GLY B 8 5.07 -5.66 -15.85
C GLY B 8 5.34 -7.13 -16.11
N GLN B 9 6.25 -7.43 -17.05
CA GLN B 9 6.65 -8.81 -17.34
C GLN B 9 7.27 -9.53 -16.12
N LYS B 10 8.01 -8.79 -15.29
CA LYS B 10 8.60 -9.35 -14.04
C LYS B 10 7.52 -9.80 -13.02
N PHE B 11 6.47 -9.01 -12.84
CA PHE B 11 5.36 -9.36 -11.92
C PHE B 11 4.36 -10.35 -12.57
N THR B 12 4.30 -10.38 -13.91
CA THR B 12 3.52 -11.37 -14.70
C THR B 12 4.23 -12.74 -14.87
N GLN B 13 5.55 -12.82 -14.61
CA GLN B 13 6.31 -14.07 -14.87
C GLN B 13 5.91 -15.17 -13.87
N PRO B 14 5.62 -16.40 -14.39
CA PRO B 14 5.42 -17.51 -13.44
C PRO B 14 6.76 -17.84 -12.72
N THR B 15 6.69 -18.17 -11.43
CA THR B 15 7.87 -18.56 -10.62
C THR B 15 7.43 -19.70 -9.70
N GLY B 16 8.40 -20.36 -9.05
CA GLY B 16 8.09 -21.40 -8.05
C GLY B 16 7.22 -20.86 -6.92
N ILE B 17 7.54 -19.62 -6.47
CA ILE B 17 6.79 -18.88 -5.41
C ILE B 17 5.42 -18.43 -5.91
N SER B 18 5.35 -17.91 -7.14
CA SER B 18 4.05 -17.54 -7.77
C SER B 18 3.07 -18.75 -7.92
N GLN B 19 3.55 -19.91 -8.38
CA GLN B 19 2.74 -21.16 -8.50
C GLN B 19 2.22 -21.64 -7.12
N LEU B 20 3.14 -21.61 -6.16
CA LEU B 20 2.86 -21.99 -4.77
C LEU B 20 1.82 -21.07 -4.13
N MSE B 21 1.93 -19.75 -4.37
CA MSE B 21 0.96 -18.77 -3.84
C MSE B 21 -0.43 -18.93 -4.47
O MSE B 21 -1.44 -18.68 -3.78
CB MSE B 21 1.46 -17.31 -3.97
CG MSE B 21 2.63 -16.92 -3.03
SE MSE B 21 2.32 -17.48 -1.17
CE MSE B 21 0.61 -16.45 -0.90
N ASP B 22 -0.46 -19.32 -5.75
CA ASP B 22 -1.71 -19.62 -6.47
C ASP B 22 -2.41 -20.82 -5.82
N ASP B 23 -1.64 -21.85 -5.43
CA ASP B 23 -2.19 -23.05 -4.79
C ASP B 23 -2.74 -22.77 -3.37
N LEU B 24 -2.02 -21.95 -2.58
CA LEU B 24 -2.50 -21.54 -1.23
C LEU B 24 -3.81 -20.72 -1.34
N GLY B 25 -3.84 -19.76 -2.28
CA GLY B 25 -5.03 -18.93 -2.56
C GLY B 25 -6.23 -19.69 -3.16
N ASP B 26 -5.96 -20.77 -3.93
CA ASP B 26 -7.00 -21.62 -4.55
C ASP B 26 -7.78 -22.43 -3.50
N ALA B 27 -7.07 -23.07 -2.56
CA ALA B 27 -7.71 -23.84 -1.48
C ALA B 27 -8.52 -22.92 -0.54
N LEU B 28 -7.92 -21.80 -0.09
CA LEU B 28 -8.60 -20.73 0.73
C LEU B 28 -9.93 -20.22 0.12
N LYS B 29 -9.96 -20.07 -1.22
CA LYS B 29 -11.17 -19.63 -1.95
C LYS B 29 -12.04 -20.80 -2.50
N SER B 30 -11.71 -22.07 -2.20
CA SER B 30 -12.45 -23.27 -2.72
C SER B 30 -13.46 -23.93 -1.74
N ASP B 31 -14.30 -24.80 -2.31
CA ASP B 31 -15.34 -25.60 -1.62
C ASP B 31 -14.78 -26.89 -1.01
N GLN B 32 -13.83 -27.52 -1.71
CA GLN B 32 -13.12 -28.71 -1.22
C GLN B 32 -12.42 -28.37 0.10
N PRO B 33 -12.85 -29.02 1.22
CA PRO B 33 -12.20 -28.72 2.50
C PRO B 33 -10.79 -29.26 2.51
N VAL B 34 -9.90 -28.55 3.22
CA VAL B 34 -8.49 -28.96 3.34
C VAL B 34 -7.98 -28.70 4.75
N ASN B 35 -6.87 -29.37 5.05
CA ASN B 35 -6.11 -29.22 6.28
C ASN B 35 -5.08 -28.14 5.93
N MSE B 36 -5.44 -26.89 6.18
CA MSE B 36 -4.60 -25.74 5.86
C MSE B 36 -3.48 -25.51 6.90
O MSE B 36 -3.70 -24.84 7.91
CB MSE B 36 -5.47 -24.49 5.74
CG MSE B 36 -4.75 -23.17 5.42
SE MSE B 36 -3.54 -23.34 3.91
CE MSE B 36 -3.16 -21.44 3.84
N LEU B 37 -2.31 -26.11 6.66
CA LEU B 37 -1.11 -25.90 7.50
C LEU B 37 -0.01 -25.11 6.75
N GLY B 38 -0.39 -24.41 5.68
CA GLY B 38 0.55 -23.71 4.80
C GLY B 38 0.53 -22.19 4.71
N GLY B 39 -0.40 -21.56 5.42
CA GLY B 39 -0.50 -20.10 5.37
C GLY B 39 0.29 -19.46 6.47
N GLY B 40 0.23 -18.13 6.54
CA GLY B 40 0.81 -17.32 7.58
C GLY B 40 -0.21 -16.51 8.36
N ASN B 41 -1.51 -16.84 8.22
CA ASN B 41 -2.58 -16.10 8.91
C ASN B 41 -2.53 -16.40 10.40
N PRO B 42 -2.61 -15.37 11.28
CA PRO B 42 -2.59 -15.66 12.73
C PRO B 42 -3.79 -16.47 13.21
N ALA B 43 -3.69 -16.97 14.44
CA ALA B 43 -4.79 -17.75 15.03
C ALA B 43 -5.96 -16.85 15.46
N LYS B 44 -7.13 -17.48 15.59
CA LYS B 44 -8.35 -16.84 16.10
C LYS B 44 -8.26 -17.05 17.63
N ILE B 45 -7.77 -16.03 18.35
CA ILE B 45 -7.63 -16.09 19.83
C ILE B 45 -8.77 -15.25 20.48
N ASP B 46 -9.65 -15.92 21.21
CA ASP B 46 -10.85 -15.26 21.77
C ASP B 46 -10.62 -14.07 22.68
N ALA B 47 -9.68 -14.20 23.64
CA ALA B 47 -9.33 -13.10 24.55
C ALA B 47 -8.83 -11.86 23.77
N VAL B 48 -8.10 -12.09 22.68
CA VAL B 48 -7.60 -11.05 21.79
C VAL B 48 -8.76 -10.32 21.08
N ASN B 49 -9.64 -11.08 20.45
CA ASN B 49 -10.78 -10.50 19.75
C ASN B 49 -11.78 -9.77 20.64
N GLU B 50 -11.94 -10.21 21.90
CA GLU B 50 -12.79 -9.50 22.87
C GLU B 50 -12.25 -8.10 23.16
N LEU B 51 -10.92 -7.95 23.25
CA LEU B 51 -10.27 -6.65 23.47
C LEU B 51 -10.42 -5.74 22.25
N PHE B 52 -10.21 -6.31 21.07
CA PHE B 52 -10.37 -5.58 19.81
C PHE B 52 -11.81 -5.11 19.58
N LEU B 53 -12.80 -5.93 19.94
CA LEU B 53 -14.21 -5.53 19.80
C LEU B 53 -14.58 -4.36 20.78
N GLU B 54 -14.06 -4.42 22.00
CA GLU B 54 -14.22 -3.35 23.00
C GLU B 54 -13.60 -2.05 22.50
N THR B 55 -12.35 -2.11 22.02
CA THR B 55 -11.66 -0.92 21.50
C THR B 55 -12.44 -0.34 20.30
N TYR B 56 -12.87 -1.21 19.38
CA TYR B 56 -13.69 -0.86 18.20
C TYR B 56 -14.98 -0.08 18.53
N LYS B 57 -15.74 -0.63 19.48
CA LYS B 57 -16.97 0.00 19.95
C LYS B 57 -16.69 1.35 20.59
N ALA B 58 -15.67 1.41 21.45
CA ALA B 58 -15.28 2.66 22.14
C ALA B 58 -14.94 3.79 21.15
N LEU B 59 -14.26 3.44 20.05
CA LEU B 59 -13.91 4.43 19.01
C LEU B 59 -15.12 5.02 18.28
N GLY B 60 -16.24 4.30 18.27
CA GLY B 60 -17.49 4.77 17.68
C GLY B 60 -18.47 5.39 18.66
N ASN B 61 -18.16 5.40 19.97
CA ASN B 61 -18.99 5.97 21.05
C ASN B 61 -18.40 7.20 21.78
N ASP B 62 -17.22 7.67 21.37
CA ASP B 62 -16.58 8.84 22.04
C ASP B 62 -16.90 10.20 21.41
N ASN B 63 -17.89 10.23 20.52
CA ASN B 63 -18.38 11.45 19.90
C ASN B 63 -19.07 12.35 20.94
N ASP B 64 -19.10 13.66 20.68
CA ASP B 64 -19.86 14.62 21.52
C ASP B 64 -21.35 14.39 21.30
N THR B 65 -22.17 14.76 22.29
CA THR B 65 -23.62 14.54 22.24
C THR B 65 -24.29 15.08 20.96
N GLY B 66 -25.06 14.21 20.30
CA GLY B 66 -25.76 14.48 19.03
C GLY B 66 -24.91 14.86 17.81
N LYS B 67 -23.60 14.57 17.85
CA LYS B 67 -22.63 14.96 16.81
C LYS B 67 -21.89 13.74 16.21
N ALA B 68 -21.43 13.92 14.96
CA ALA B 68 -20.81 12.84 14.17
C ALA B 68 -19.39 12.43 14.58
N ASN B 69 -18.61 13.42 15.05
CA ASN B 69 -17.18 13.36 15.45
C ASN B 69 -16.55 12.24 16.36
N SER B 70 -16.91 10.97 16.18
CA SER B 70 -16.27 9.87 16.94
C SER B 70 -14.85 9.65 16.39
N SER B 71 -13.98 9.03 17.18
CA SER B 71 -12.60 8.72 16.74
C SER B 71 -12.61 7.85 15.48
N ALA B 72 -13.51 6.86 15.44
CA ALA B 72 -13.70 5.98 14.27
C ALA B 72 -13.96 6.81 13.00
N ILE B 73 -14.89 7.77 13.09
CA ILE B 73 -15.19 8.68 11.96
C ILE B 73 -14.04 9.60 11.59
N ILE B 74 -13.29 10.11 12.57
CA ILE B 74 -12.18 11.04 12.25
C ILE B 74 -11.06 10.32 11.48
N SER B 75 -10.75 9.11 11.92
CA SER B 75 -9.75 8.26 11.30
C SER B 75 -10.19 7.83 9.87
N MSE B 76 -11.43 7.41 9.71
CA MSE B 76 -12.02 7.12 8.38
C MSE B 76 -11.99 8.30 7.39
O MSE B 76 -11.56 8.16 6.26
CB MSE B 76 -13.52 6.78 8.51
CG MSE B 76 -13.84 5.39 8.34
SE MSE B 76 -15.72 5.18 8.75
CE MSE B 76 -15.32 4.63 10.58
N ALA B 77 -12.55 9.43 7.85
CA ALA B 77 -12.81 10.59 7.03
C ALA B 77 -11.66 11.45 6.62
N ASN B 78 -10.44 11.16 7.09
CA ASN B 78 -9.25 11.97 6.78
C ASN B 78 -8.01 11.19 6.39
N TYR B 79 -7.24 11.75 5.46
CA TYR B 79 -5.94 11.19 5.12
C TYR B 79 -5.01 11.43 6.29
N SER B 80 -4.14 10.47 6.60
CA SER B 80 -3.07 10.73 7.56
C SER B 80 -1.98 11.50 6.81
N ASN B 81 -1.00 11.97 7.56
CA ASN B 81 0.20 12.54 6.96
C ASN B 81 0.92 11.34 6.22
N PRO B 82 1.68 11.60 5.13
CA PRO B 82 2.37 10.50 4.41
C PRO B 82 3.28 9.58 5.25
N GLN B 83 3.86 10.14 6.31
CA GLN B 83 4.68 9.41 7.27
C GLN B 83 3.85 8.42 8.10
N GLY B 84 2.56 8.73 8.29
CA GLY B 84 1.62 7.89 9.02
C GLY B 84 0.84 8.61 10.11
N ASP B 85 -0.21 7.95 10.60
CA ASP B 85 -1.08 8.45 11.69
C ASP B 85 -0.25 9.09 12.82
N SER B 86 -0.43 10.40 13.02
CA SER B 86 0.33 11.18 14.02
C SER B 86 0.15 10.70 15.46
N ALA B 87 -1.11 10.49 15.85
CA ALA B 87 -1.43 10.03 17.20
C ALA B 87 -0.77 8.67 17.51
N PHE B 88 -0.83 7.75 16.53
CA PHE B 88 -0.24 6.41 16.70
C PHE B 88 1.29 6.52 16.83
N ILE B 89 1.91 7.37 15.98
CA ILE B 89 3.35 7.64 16.06
C ILE B 89 3.75 8.21 17.43
N ASP B 90 3.01 9.22 17.93
CA ASP B 90 3.27 9.80 19.24
C ASP B 90 3.10 8.77 20.35
N ALA B 91 2.06 7.94 20.26
CA ALA B 91 1.85 6.88 21.23
C ALA B 91 3.03 5.90 21.23
N LEU B 92 3.50 5.52 20.02
CA LEU B 92 4.65 4.61 19.84
C LEU B 92 5.95 5.20 20.42
N VAL B 93 6.22 6.48 20.18
CA VAL B 93 7.37 7.20 20.77
C VAL B 93 7.38 7.07 22.32
N GLY B 94 6.23 7.40 22.94
CA GLY B 94 6.06 7.29 24.38
C GLY B 94 6.29 5.87 24.86
N PHE B 95 5.65 4.91 24.21
CA PHE B 95 5.80 3.48 24.50
C PHE B 95 7.25 3.05 24.45
N PHE B 96 7.89 3.15 23.29
CA PHE B 96 9.33 2.75 23.16
C PHE B 96 10.28 3.47 24.15
N ASN B 97 10.09 4.78 24.36
CA ASN B 97 10.93 5.54 25.33
C ASN B 97 10.71 5.13 26.80
N ARG B 98 9.47 4.78 27.17
CA ARG B 98 9.17 4.26 28.52
C ARG B 98 9.84 2.92 28.74
N HIS B 99 9.71 2.02 27.77
CA HIS B 99 10.21 0.66 27.90
C HIS B 99 11.70 0.41 27.59
N TYR B 100 12.33 1.23 26.73
CA TYR B 100 13.74 0.99 26.34
C TYR B 100 14.71 2.18 26.43
N ASP B 101 14.23 3.39 26.65
CA ASP B 101 15.11 4.57 26.80
C ASP B 101 16.02 4.82 25.55
N TRP B 102 15.41 4.75 24.37
CA TRP B 102 16.10 5.00 23.10
C TRP B 102 16.12 6.50 22.72
N ASN B 103 15.38 7.34 23.43
CA ASN B 103 15.30 8.79 23.16
CA ASN B 103 15.29 8.79 23.16
C ASN B 103 14.80 9.06 21.73
N LEU B 104 13.75 8.34 21.33
CA LEU B 104 13.15 8.55 20.01
C LEU B 104 12.30 9.82 20.07
N THR B 105 12.07 10.38 18.88
CA THR B 105 11.09 11.46 18.65
C THR B 105 10.24 10.97 17.48
N SER B 106 9.22 11.74 17.13
CA SER B 106 8.33 11.35 16.01
C SER B 106 9.04 11.23 14.66
N GLU B 107 10.18 11.91 14.50
CA GLU B 107 11.01 11.78 13.29
C GLU B 107 11.56 10.35 13.08
N ASN B 108 11.61 9.52 14.12
CA ASN B 108 12.13 8.13 14.07
C ASN B 108 11.14 7.02 13.73
N ILE B 109 9.87 7.32 13.45
CA ILE B 109 8.87 6.29 13.14
C ILE B 109 8.00 6.64 11.95
N ALA B 110 7.78 5.63 11.10
CA ALA B 110 6.86 5.73 9.96
C ALA B 110 5.95 4.51 9.94
N LEU B 111 4.84 4.65 9.24
CA LEU B 111 3.86 3.59 9.04
C LEU B 111 3.81 3.25 7.57
N THR B 112 3.56 1.97 7.28
CA THR B 112 3.42 1.43 5.92
C THR B 112 2.19 0.51 5.85
N ASN B 113 1.79 0.12 4.64
CA ASN B 113 0.64 -0.79 4.46
C ASN B 113 1.03 -2.25 4.70
N GLY B 114 1.33 -2.56 5.96
CA GLY B 114 1.88 -3.84 6.40
C GLY B 114 3.41 -3.81 6.30
N SER B 115 4.09 -4.67 7.05
N SER B 115 4.10 -4.66 7.05
CA SER B 115 5.56 -4.79 7.00
CA SER B 115 5.57 -4.73 7.00
C SER B 115 6.07 -5.12 5.59
C SER B 115 6.08 -5.14 5.60
N GLN B 116 5.26 -5.87 4.82
CA GLN B 116 5.58 -6.25 3.44
C GLN B 116 5.86 -5.02 2.58
N ASN B 117 5.05 -3.98 2.76
CA ASN B 117 5.22 -2.68 2.11
C ASN B 117 6.52 -2.02 2.58
N ALA B 118 6.85 -2.16 3.87
CA ALA B 118 8.13 -1.68 4.42
C ALA B 118 9.34 -2.38 3.81
N PHE B 119 9.25 -3.67 3.48
CA PHE B 119 10.39 -4.39 2.84
C PHE B 119 10.48 -4.04 1.38
N PHE B 120 9.33 -3.86 0.71
CA PHE B 120 9.33 -3.37 -0.68
C PHE B 120 10.11 -2.05 -0.75
N TYR B 121 9.85 -1.14 0.20
CA TYR B 121 10.61 0.11 0.28
C TYR B 121 12.07 -0.10 0.66
N LEU B 122 12.31 -0.70 1.82
CA LEU B 122 13.65 -0.85 2.36
C LEU B 122 14.64 -1.61 1.44
N PHE B 123 14.17 -2.68 0.79
CA PHE B 123 15.02 -3.47 -0.08
C PHE B 123 15.30 -2.83 -1.42
N ASN B 124 14.39 -1.98 -1.93
CA ASN B 124 14.66 -1.16 -3.13
C ASN B 124 15.38 0.16 -2.78
N LEU B 125 15.40 0.57 -1.51
CA LEU B 125 16.15 1.77 -1.04
C LEU B 125 17.63 1.44 -0.77
N PHE B 126 17.92 0.18 -0.38
CA PHE B 126 19.28 -0.29 -0.07
C PHE B 126 19.85 -1.37 -1.00
N GLY B 127 19.09 -1.78 -2.01
CA GLY B 127 19.49 -2.83 -2.97
C GLY B 127 19.07 -2.40 -4.35
N GLY B 128 19.56 -3.11 -5.36
CA GLY B 128 19.34 -2.77 -6.78
C GLY B 128 20.49 -1.88 -7.24
N ALA B 129 20.26 -1.13 -8.31
CA ALA B 129 21.31 -0.29 -8.91
C ALA B 129 21.73 0.93 -8.05
N PHE B 130 23.05 1.08 -7.79
CA PHE B 130 23.65 2.25 -7.11
C PHE B 130 24.54 2.99 -8.10
N VAL B 131 24.79 4.28 -7.85
CA VAL B 131 25.73 5.06 -8.66
C VAL B 131 27.14 4.59 -8.27
N ASN B 132 28.01 4.40 -9.26
CA ASN B 132 29.40 3.98 -9.01
C ASN B 132 30.25 5.23 -8.67
N GLU B 133 30.65 5.37 -7.39
CA GLU B 133 31.34 6.59 -6.86
C GLU B 133 32.82 6.77 -7.28
N LYS B 141 29.52 2.61 -14.82
CA LYS B 141 29.14 3.72 -13.92
C LYS B 141 27.92 3.45 -12.98
N SER B 142 27.30 2.28 -13.12
CA SER B 142 26.20 1.81 -12.25
C SER B 142 26.62 0.45 -11.62
N VAL B 143 26.47 0.28 -10.30
CA VAL B 143 26.81 -0.99 -9.58
C VAL B 143 25.64 -1.58 -8.76
N ASP B 144 25.31 -2.86 -9.01
CA ASP B 144 24.23 -3.57 -8.26
C ASP B 144 24.73 -4.02 -6.88
N LYS B 145 23.98 -3.68 -5.83
CA LYS B 145 24.26 -4.11 -4.45
C LYS B 145 23.11 -4.98 -3.91
N SER B 146 23.43 -5.86 -2.95
CA SER B 146 22.47 -6.83 -2.40
C SER B 146 22.09 -6.63 -0.94
N ILE B 147 20.95 -7.22 -0.56
CA ILE B 147 20.49 -7.25 0.83
C ILE B 147 21.14 -8.54 1.36
N LEU B 148 21.89 -8.47 2.46
CA LEU B 148 22.60 -9.64 3.03
C LEU B 148 21.73 -10.34 4.10
N LEU B 149 21.39 -11.60 3.83
CA LEU B 149 20.67 -12.43 4.78
C LEU B 149 21.78 -13.27 5.41
N PRO B 150 22.19 -12.93 6.65
CA PRO B 150 23.29 -13.63 7.30
C PRO B 150 23.03 -15.12 7.60
N LEU B 151 21.76 -15.51 7.69
CA LEU B 151 21.37 -16.90 7.88
C LEU B 151 20.10 -17.21 7.05
N THR B 152 20.11 -18.35 6.35
CA THR B 152 18.96 -18.88 5.59
C THR B 152 18.75 -20.28 6.19
N PRO B 153 17.52 -20.82 6.19
CA PRO B 153 16.28 -20.30 5.66
C PRO B 153 15.78 -19.00 6.28
N GLU B 154 15.16 -18.18 5.44
CA GLU B 154 14.55 -16.90 5.79
C GLU B 154 13.23 -16.73 5.04
N TYR B 155 12.49 -15.71 5.46
CA TYR B 155 11.16 -15.40 4.96
C TYR B 155 11.00 -15.37 3.44
N ILE B 156 10.20 -16.30 2.93
CA ILE B 156 9.82 -16.39 1.51
C ILE B 156 9.40 -15.05 0.85
N GLY B 157 8.68 -14.21 1.57
CA GLY B 157 8.18 -12.91 1.04
C GLY B 157 9.19 -11.83 0.66
N TYR B 158 10.43 -12.00 1.11
CA TYR B 158 11.52 -11.09 0.72
C TYR B 158 11.91 -11.23 -0.75
N SER B 159 11.86 -12.47 -1.22
CA SER B 159 12.36 -12.94 -2.53
C SER B 159 12.19 -12.06 -3.76
N ASP B 160 10.96 -11.61 -4.01
CA ASP B 160 10.63 -10.94 -5.27
C ASP B 160 10.31 -9.47 -5.20
N VAL B 161 10.64 -8.79 -4.10
CA VAL B 161 10.30 -7.35 -3.94
C VAL B 161 11.10 -6.36 -4.79
N HIS B 162 12.26 -6.73 -5.32
CA HIS B 162 13.08 -5.80 -6.08
C HIS B 162 12.42 -5.41 -7.39
N VAL B 163 12.54 -4.13 -7.73
CA VAL B 163 11.97 -3.59 -8.95
C VAL B 163 12.61 -4.17 -10.23
N GLU B 164 13.95 -4.41 -10.24
CA GLU B 164 14.63 -5.03 -11.39
C GLU B 164 15.61 -6.11 -10.95
N GLY B 165 15.50 -7.29 -11.58
CA GLY B 165 16.31 -8.43 -11.22
C GLY B 165 15.99 -8.90 -9.81
N GLN B 166 16.98 -9.48 -9.14
CA GLN B 166 16.86 -9.96 -7.77
C GLN B 166 18.19 -9.65 -7.11
N HIS B 167 18.16 -9.09 -5.90
CA HIS B 167 19.36 -8.57 -5.24
C HIS B 167 19.52 -8.98 -3.78
N PHE B 168 19.83 -10.27 -3.60
CA PHE B 168 20.08 -10.88 -2.28
C PHE B 168 21.37 -11.71 -2.28
N ALA B 169 22.04 -11.72 -1.14
CA ALA B 169 23.23 -12.53 -0.86
C ALA B 169 22.91 -13.27 0.45
N ALA B 170 23.09 -14.57 0.48
CA ALA B 170 22.83 -15.34 1.70
C ALA B 170 24.02 -16.20 2.03
N VAL B 171 24.17 -16.48 3.31
CA VAL B 171 25.21 -17.34 3.84
C VAL B 171 24.44 -18.52 4.43
N LEU B 172 24.87 -19.73 4.11
CA LEU B 172 24.24 -20.95 4.61
C LEU B 172 24.54 -21.12 6.11
N PRO B 173 23.66 -21.81 6.85
CA PRO B 173 23.85 -21.93 8.28
C PRO B 173 24.64 -23.15 8.79
N HIS B 174 25.20 -23.02 10.00
CA HIS B 174 25.81 -24.15 10.73
CA HIS B 174 25.81 -24.15 10.74
C HIS B 174 24.60 -24.77 11.44
N ILE B 175 24.54 -26.11 11.47
CA ILE B 175 23.44 -26.87 12.10
C ILE B 175 23.99 -27.60 13.32
N ASP B 176 23.36 -27.42 14.49
CA ASP B 176 23.72 -28.11 15.76
C ASP B 176 22.50 -28.88 16.22
N GLU B 177 22.69 -30.16 16.53
CA GLU B 177 21.62 -31.00 17.04
C GLU B 177 21.50 -30.61 18.53
N VAL B 178 20.31 -30.22 18.95
CA VAL B 178 20.03 -29.74 20.31
C VAL B 178 18.88 -30.55 20.92
N THR B 179 18.50 -30.19 22.14
CA THR B 179 17.46 -30.87 22.90
C THR B 179 16.28 -29.90 23.09
N HIS B 180 15.08 -30.45 23.29
CA HIS B 180 13.89 -29.63 23.58
C HIS B 180 12.92 -30.36 24.51
N ASP B 181 12.63 -29.74 25.66
CA ASP B 181 11.74 -30.28 26.69
C ASP B 181 12.09 -31.72 27.08
N GLY B 182 13.39 -31.97 27.32
CA GLY B 182 13.90 -33.28 27.70
C GLY B 182 13.96 -34.41 26.68
N GLU B 183 13.68 -34.11 25.39
CA GLU B 183 13.71 -35.12 24.31
CA GLU B 183 13.69 -35.11 24.30
C GLU B 183 14.69 -34.74 23.19
N GLU B 184 15.17 -35.75 22.47
CA GLU B 184 16.10 -35.62 21.34
C GLU B 184 15.29 -35.48 20.06
N GLY B 185 16.00 -35.25 18.95
CA GLY B 185 15.40 -35.10 17.62
C GLY B 185 15.10 -33.67 17.25
N PHE B 186 15.93 -32.76 17.72
CA PHE B 186 15.79 -31.34 17.49
C PHE B 186 17.11 -30.71 17.03
N PHE B 187 17.02 -29.53 16.41
CA PHE B 187 18.19 -28.80 15.92
C PHE B 187 17.96 -27.29 15.82
N LYS B 188 19.08 -26.55 15.80
CA LYS B 188 19.09 -25.10 15.72
C LYS B 188 20.09 -24.67 14.65
N TYR B 189 19.68 -23.69 13.84
CA TYR B 189 20.52 -23.09 12.84
C TYR B 189 21.26 -21.98 13.56
N ARG B 190 22.53 -21.82 13.25
CA ARG B 190 23.38 -20.77 13.83
C ARG B 190 24.13 -20.05 12.72
N VAL B 191 24.34 -18.75 12.89
CA VAL B 191 25.06 -17.97 11.90
C VAL B 191 26.51 -18.48 11.83
N ASP B 192 26.99 -18.69 10.60
CA ASP B 192 28.36 -19.10 10.35
C ASP B 192 29.16 -17.81 10.11
N PHE B 193 29.74 -17.30 11.19
CA PHE B 193 30.56 -16.08 11.12
C PHE B 193 31.88 -16.25 10.34
N GLU B 194 32.42 -17.48 10.26
CA GLU B 194 33.62 -17.75 9.44
C GLU B 194 33.26 -17.34 8.00
N ALA B 195 32.19 -17.95 7.46
CA ALA B 195 31.71 -17.67 6.10
C ALA B 195 31.29 -16.22 5.89
N LEU B 196 30.58 -15.66 6.87
CA LEU B 196 29.99 -14.32 6.74
C LEU B 196 31.00 -13.20 6.81
N GLU B 197 31.87 -13.24 7.80
CA GLU B 197 32.84 -12.15 8.04
C GLU B 197 33.86 -12.03 6.89
N ASN B 198 34.12 -13.17 6.23
CA ASN B 198 34.96 -13.29 5.05
C ASN B 198 34.19 -13.21 3.71
N LEU B 199 32.91 -12.80 3.72
CA LEU B 199 32.08 -12.76 2.50
C LEU B 199 32.63 -11.71 1.52
N PRO B 200 33.04 -12.15 0.30
CA PRO B 200 33.64 -11.23 -0.67
C PRO B 200 32.80 -10.02 -1.07
N ALA B 201 31.50 -10.21 -1.30
CA ALA B 201 30.56 -9.13 -1.64
C ALA B 201 30.63 -7.91 -0.69
N LEU B 202 30.83 -8.22 0.58
CA LEU B 202 30.93 -7.25 1.69
C LEU B 202 32.21 -6.39 1.50
N LYS B 203 33.31 -7.04 1.15
CA LYS B 203 34.58 -6.33 0.85
C LYS B 203 34.64 -5.67 -0.55
N GLU B 204 33.90 -6.19 -1.52
CA GLU B 204 33.74 -5.51 -2.82
C GLU B 204 32.81 -4.29 -2.70
N GLY B 205 32.10 -4.13 -1.59
CA GLY B 205 31.17 -3.03 -1.40
C GLY B 205 29.90 -3.25 -2.20
N ARG B 206 29.49 -4.52 -2.36
CA ARG B 206 28.26 -4.89 -3.08
C ARG B 206 27.09 -5.31 -2.15
N ILE B 207 27.15 -4.89 -0.90
CA ILE B 207 26.10 -5.16 0.06
C ILE B 207 25.64 -3.81 0.58
N GLY B 208 24.38 -3.46 0.29
CA GLY B 208 23.78 -2.21 0.75
C GLY B 208 23.05 -2.24 2.09
N ALA B 209 22.81 -3.43 2.63
CA ALA B 209 22.14 -3.61 3.95
C ALA B 209 22.18 -5.08 4.40
N ILE B 210 22.10 -5.30 5.71
CA ILE B 210 21.99 -6.65 6.28
C ILE B 210 20.56 -6.73 6.81
N CYS B 211 19.92 -7.88 6.65
CA CYS B 211 18.55 -8.09 7.13
C CYS B 211 18.25 -9.50 7.62
N CYS B 212 17.43 -9.60 8.69
CA CYS B 212 16.94 -10.88 9.23
C CYS B 212 15.64 -10.74 10.02
N SER B 213 14.91 -11.85 10.17
CA SER B 213 13.66 -11.89 10.92
C SER B 213 13.94 -12.58 12.25
N ARG B 214 13.35 -12.03 13.32
CA ARG B 214 13.59 -12.47 14.69
C ARG B 214 12.32 -12.39 15.53
N PRO B 215 11.66 -13.54 15.77
CA PRO B 215 11.98 -14.90 15.33
C PRO B 215 11.75 -15.07 13.84
N THR B 216 12.36 -16.11 13.26
CA THR B 216 12.35 -16.34 11.82
C THR B 216 11.18 -17.14 11.28
N ASN B 217 10.68 -16.69 10.12
CA ASN B 217 9.73 -17.43 9.27
C ASN B 217 10.73 -17.96 8.23
N PRO B 218 10.81 -19.29 8.02
CA PRO B 218 9.97 -20.40 8.47
C PRO B 218 10.37 -21.24 9.66
N THR B 219 11.54 -20.98 10.24
CA THR B 219 12.14 -21.90 11.19
C THR B 219 11.67 -21.83 12.64
N GLY B 220 11.26 -20.65 13.08
CA GLY B 220 10.98 -20.41 14.48
C GLY B 220 12.27 -20.25 15.29
N ASN B 221 13.38 -19.95 14.62
CA ASN B 221 14.69 -19.72 15.21
C ASN B 221 14.77 -18.28 15.73
N VAL B 222 15.39 -18.12 16.89
CA VAL B 222 15.63 -16.82 17.49
C VAL B 222 17.13 -16.65 17.49
N LEU B 223 17.63 -15.71 16.68
CA LEU B 223 19.04 -15.36 16.64
C LEU B 223 19.35 -14.78 18.03
N THR B 224 20.39 -15.33 18.68
CA THR B 224 20.77 -14.95 20.05
C THR B 224 21.29 -13.52 20.14
N ASP B 225 21.25 -12.96 21.35
CA ASP B 225 21.79 -11.60 21.61
C ASP B 225 23.28 -11.45 21.16
N GLU B 226 24.10 -12.50 21.38
CA GLU B 226 25.51 -12.45 20.94
CA GLU B 226 25.51 -12.52 20.95
C GLU B 226 25.59 -12.40 19.41
N GLU B 227 24.75 -13.21 18.72
CA GLU B 227 24.68 -13.22 17.25
C GLU B 227 24.22 -11.85 16.71
N MSE B 228 23.23 -11.24 17.38
CA MSE B 228 22.74 -9.90 17.02
C MSE B 228 23.76 -8.78 17.25
O MSE B 228 23.90 -7.90 16.40
CB MSE B 228 21.41 -9.57 17.73
CG MSE B 228 20.22 -10.47 17.35
SE MSE B 228 19.85 -10.73 15.46
CE MSE B 228 19.60 -8.86 14.96
N ALA B 229 24.45 -8.80 18.39
CA ALA B 229 25.48 -7.79 18.68
C ALA B 229 26.60 -7.87 17.64
N HIS B 230 27.00 -9.09 17.28
CA HIS B 230 28.04 -9.36 16.24
C HIS B 230 27.63 -8.75 14.88
N LEU B 231 26.38 -9.03 14.47
CA LEU B 231 25.82 -8.49 13.22
C LEU B 231 25.83 -6.96 13.23
N ALA B 232 25.53 -6.32 14.37
CA ALA B 232 25.58 -4.85 14.47
C ALA B 232 26.99 -4.33 14.21
N GLU B 233 28.01 -5.05 14.71
CA GLU B 233 29.43 -4.69 14.48
C GLU B 233 29.76 -4.76 13.00
N ILE B 234 29.40 -5.87 12.36
CA ILE B 234 29.60 -6.04 10.90
C ILE B 234 28.87 -4.94 10.12
N ALA B 235 27.64 -4.63 10.51
CA ALA B 235 26.87 -3.58 9.85
C ALA B 235 27.59 -2.21 9.95
N LYS B 236 28.01 -1.82 11.17
CA LYS B 236 28.71 -0.54 11.39
C LYS B 236 30.07 -0.53 10.70
N ARG B 237 30.76 -1.68 10.67
CA ARG B 237 32.09 -1.79 10.02
C ARG B 237 32.01 -1.46 8.54
N TYR B 238 31.07 -2.09 7.82
CA TYR B 238 30.87 -1.86 6.38
C TYR B 238 29.95 -0.67 6.04
N ASP B 239 29.58 0.12 7.06
CA ASP B 239 28.81 1.35 6.89
C ASP B 239 27.45 1.15 6.17
N ILE B 240 26.73 0.13 6.65
CA ILE B 240 25.41 -0.28 6.12
C ILE B 240 24.44 -0.60 7.26
N PRO B 241 23.14 -0.32 7.07
CA PRO B 241 22.17 -0.54 8.14
C PRO B 241 21.83 -2.00 8.41
N LEU B 242 21.54 -2.34 9.67
CA LEU B 242 21.05 -3.67 10.04
C LEU B 242 19.53 -3.56 10.16
N ILE B 243 18.81 -4.20 9.24
CA ILE B 243 17.36 -4.23 9.22
C ILE B 243 16.93 -5.45 10.04
N ILE B 244 16.00 -5.30 11.01
CA ILE B 244 15.53 -6.44 11.83
C ILE B 244 14.00 -6.49 11.73
N ASP B 245 13.46 -7.60 11.19
CA ASP B 245 12.03 -7.84 11.02
C ASP B 245 11.47 -8.52 12.26
N ASN B 246 10.76 -7.74 13.10
CA ASN B 246 10.13 -8.27 14.32
C ASN B 246 8.65 -8.65 14.16
N ALA B 247 8.19 -9.04 12.96
CA ALA B 247 6.79 -9.42 12.74
C ALA B 247 6.16 -10.28 13.87
N TYR B 248 6.88 -11.31 14.34
CA TYR B 248 6.43 -12.21 15.43
C TYR B 248 7.13 -11.94 16.77
N GLY B 249 7.90 -10.85 16.85
CA GLY B 249 8.79 -10.59 17.99
C GLY B 249 8.43 -9.51 18.97
N MSE B 250 9.44 -9.09 19.72
CA MSE B 250 9.27 -8.06 20.75
C MSE B 250 9.00 -6.69 20.11
O MSE B 250 9.43 -6.47 18.97
CB MSE B 250 10.52 -7.94 21.60
CG MSE B 250 10.80 -9.14 22.41
SE MSE B 250 12.62 -9.28 22.91
CE MSE B 250 13.44 -9.41 21.11
N PRO B 251 8.24 -5.82 20.79
CA PRO B 251 7.52 -6.00 22.07
C PRO B 251 6.13 -6.65 21.91
N PHE B 252 5.60 -6.68 20.67
CA PHE B 252 4.34 -7.33 20.34
C PHE B 252 4.43 -7.90 18.92
N PRO B 253 3.86 -9.08 18.65
CA PRO B 253 3.11 -9.99 19.57
C PRO B 253 3.97 -10.77 20.59
N ASN B 254 5.30 -10.62 20.54
CA ASN B 254 6.24 -11.23 21.48
C ASN B 254 6.06 -12.76 21.57
N ILE B 255 5.98 -13.40 20.40
CA ILE B 255 5.86 -14.86 20.29
C ILE B 255 7.33 -15.41 20.26
N ILE B 256 8.03 -15.28 21.39
CA ILE B 256 9.42 -15.69 21.57
C ILE B 256 9.50 -16.45 22.88
N TYR B 257 10.00 -17.68 22.83
CA TYR B 257 10.08 -18.56 23.99
C TYR B 257 11.49 -18.70 24.61
N SER B 258 12.52 -18.13 23.96
CA SER B 258 13.90 -18.16 24.43
CA SER B 258 13.90 -18.16 24.45
C SER B 258 14.32 -16.74 24.86
N ASP B 259 15.38 -16.66 25.67
CA ASP B 259 15.91 -15.40 26.19
C ASP B 259 16.34 -14.52 25.01
N ALA B 260 15.89 -13.27 24.98
CA ALA B 260 16.19 -12.33 23.87
C ALA B 260 15.90 -10.89 24.27
N HIS B 261 16.67 -9.94 23.75
CA HIS B 261 16.46 -8.53 24.05
C HIS B 261 16.40 -7.67 22.78
N LEU B 262 15.47 -6.71 22.76
CA LEU B 262 15.27 -5.80 21.64
C LEU B 262 16.15 -4.56 21.83
N ASN B 263 16.96 -4.24 20.82
CA ASN B 263 17.87 -3.09 20.84
C ASN B 263 17.74 -2.20 19.61
N TRP B 264 18.21 -0.97 19.78
CA TRP B 264 18.22 0.02 18.73
C TRP B 264 19.37 1.02 18.87
N ASP B 265 19.81 1.48 17.70
CA ASP B 265 20.70 2.63 17.56
C ASP B 265 20.37 3.24 16.18
N ASN B 266 20.99 4.36 15.85
CA ASN B 266 20.76 5.02 14.55
C ASN B 266 21.14 4.20 13.29
N ASN B 267 21.94 3.15 13.47
CA ASN B 267 22.31 2.28 12.38
C ASN B 267 21.33 1.09 12.24
N THR B 268 20.35 0.95 13.14
CA THR B 268 19.38 -0.16 13.10
C THR B 268 18.04 0.33 12.51
N ILE B 269 17.44 -0.51 11.65
CA ILE B 269 16.11 -0.28 11.10
C ILE B 269 15.27 -1.43 11.67
N LEU B 270 14.34 -1.12 12.58
CA LEU B 270 13.45 -2.11 13.21
C LEU B 270 12.07 -2.06 12.55
N CYS B 271 11.62 -3.19 12.01
CA CYS B 271 10.27 -3.31 11.43
C CYS B 271 9.37 -4.10 12.39
N PHE B 272 8.13 -3.61 12.57
CA PHE B 272 7.10 -4.26 13.39
C PHE B 272 5.83 -4.30 12.59
N SER B 273 4.86 -5.05 13.11
CA SER B 273 3.57 -5.21 12.45
C SER B 273 2.46 -5.41 13.45
N LEU B 274 1.23 -5.11 13.01
CA LEU B 274 0.00 -5.40 13.75
C LEU B 274 -0.63 -6.70 13.25
N SER B 275 -0.13 -7.27 12.17
CA SER B 275 -0.69 -8.52 11.62
C SER B 275 -0.67 -9.70 12.61
N LYS B 276 0.45 -9.89 13.27
CA LYS B 276 0.63 -11.04 14.17
C LYS B 276 0.13 -10.87 15.63
N ILE B 277 -0.36 -9.67 15.99
CA ILE B 277 -1.15 -9.55 17.23
C ILE B 277 -2.63 -9.92 16.96
N GLY B 278 -3.00 -10.12 15.68
CA GLY B 278 -4.35 -10.43 15.24
C GLY B 278 -5.05 -9.40 14.34
N LEU B 279 -4.33 -8.44 13.75
CA LEU B 279 -4.93 -7.42 12.87
C LEU B 279 -4.39 -7.41 11.42
N PRO B 280 -4.23 -8.61 10.79
CA PRO B 280 -3.65 -8.64 9.45
C PRO B 280 -4.47 -7.95 8.37
N GLY B 281 -5.79 -7.95 8.50
CA GLY B 281 -6.67 -7.26 7.52
C GLY B 281 -6.48 -5.75 7.48
N MSE B 282 -5.96 -5.18 8.57
CA MSE B 282 -5.71 -3.75 8.65
C MSE B 282 -4.50 -3.27 7.85
O MSE B 282 -4.52 -2.16 7.31
CB MSE B 282 -5.59 -3.33 10.10
CG MSE B 282 -6.84 -3.59 10.96
SE MSE B 282 -8.51 -2.90 10.25
CE MSE B 282 -9.28 -2.53 11.97
N ARG B 283 -3.44 -4.09 7.74
CA ARG B 283 -2.24 -3.75 6.93
C ARG B 283 -1.50 -2.56 7.52
N THR B 284 -0.90 -2.79 8.70
CA THR B 284 -0.13 -1.76 9.39
C THR B 284 1.25 -2.25 9.78
N GLY B 285 2.28 -1.73 9.10
CA GLY B 285 3.67 -1.95 9.44
C GLY B 285 4.19 -0.68 10.13
N ILE B 286 5.20 -0.84 11.00
CA ILE B 286 5.82 0.26 11.77
C ILE B 286 7.35 0.15 11.56
N ILE B 287 8.03 1.26 11.23
CA ILE B 287 9.48 1.29 11.04
C ILE B 287 10.06 2.25 12.07
N VAL B 288 11.04 1.80 12.85
CA VAL B 288 11.79 2.66 13.77
C VAL B 288 13.20 2.76 13.17
N ALA B 289 13.59 3.98 12.79
CA ALA B 289 14.90 4.21 12.17
C ALA B 289 15.37 5.63 12.32
N ASP B 290 16.59 5.89 11.87
CA ASP B 290 17.19 7.22 11.84
C ASP B 290 16.27 8.10 11.00
N ALA B 291 16.26 9.39 11.31
CA ALA B 291 15.45 10.39 10.59
C ALA B 291 15.58 10.27 9.07
N LYS B 292 16.81 10.02 8.61
CA LYS B 292 17.12 9.93 7.19
C LYS B 292 16.34 8.79 6.49
N VAL B 293 16.13 7.66 7.17
CA VAL B 293 15.36 6.54 6.62
C VAL B 293 13.84 6.84 6.65
N ILE B 294 13.37 7.43 7.74
CA ILE B 294 11.94 7.75 7.90
C ILE B 294 11.49 8.76 6.83
N GLU B 295 12.34 9.75 6.53
CA GLU B 295 12.11 10.73 5.45
C GLU B 295 11.95 10.04 4.10
N ALA B 296 12.83 9.07 3.79
CA ALA B 296 12.80 8.30 2.54
C ALA B 296 11.48 7.51 2.43
N VAL B 297 11.13 6.79 3.50
CA VAL B 297 9.85 6.03 3.56
C VAL B 297 8.61 6.93 3.42
N SER B 298 8.65 8.09 4.08
CA SER B 298 7.56 9.08 4.03
CA SER B 298 7.56 9.07 4.03
C SER B 298 7.36 9.60 2.62
N ALA B 299 8.47 9.89 1.92
CA ALA B 299 8.42 10.36 0.53
C ALA B 299 7.90 9.25 -0.38
N MSE B 300 8.36 8.02 -0.14
CA MSE B 300 7.88 6.87 -0.89
C MSE B 300 6.36 6.66 -0.70
O MSE B 300 5.64 6.50 -1.68
CB MSE B 300 8.69 5.61 -0.57
CG MSE B 300 10.11 5.61 -1.20
SE MSE B 300 11.10 4.03 -0.68
CE MSE B 300 12.81 4.39 -1.53
N ASN B 301 5.89 6.68 0.56
CA ASN B 301 4.43 6.62 0.85
C ASN B 301 3.66 7.68 0.07
N ALA B 302 4.16 8.92 0.08
CA ALA B 302 3.54 10.03 -0.69
C ALA B 302 3.34 9.67 -2.17
N VAL B 303 4.32 9.01 -2.79
CA VAL B 303 4.21 8.69 -4.21
C VAL B 303 3.45 7.40 -4.52
N VAL B 304 3.78 6.33 -3.82
CA VAL B 304 3.18 5.02 -4.07
C VAL B 304 1.79 4.86 -3.46
N ASN B 305 1.56 5.43 -2.26
CA ASN B 305 0.30 5.29 -1.50
C ASN B 305 -0.54 6.55 -1.16
N LEU B 306 0.02 7.75 -1.37
CA LEU B 306 -0.56 9.05 -0.97
C LEU B 306 -0.34 9.13 0.57
N ALA B 307 -1.02 8.27 1.32
CA ALA B 307 -0.86 8.14 2.76
C ALA B 307 -1.04 6.64 3.14
N PRO B 308 -0.39 6.17 4.20
CA PRO B 308 -0.64 4.79 4.54
C PRO B 308 -1.98 4.65 5.26
N THR B 309 -2.41 3.42 5.38
CA THR B 309 -3.69 3.10 6.01
C THR B 309 -3.64 3.48 7.49
N ARG B 310 -4.79 3.84 8.05
CA ARG B 310 -4.82 4.27 9.44
C ARG B 310 -5.83 3.59 10.36
N PHE B 311 -6.62 2.63 9.88
CA PHE B 311 -7.56 2.02 10.80
C PHE B 311 -6.94 1.05 11.80
N GLY B 312 -5.87 0.37 11.41
CA GLY B 312 -5.08 -0.46 12.33
C GLY B 312 -4.47 0.44 13.41
N ALA B 313 -3.94 1.60 13.00
CA ALA B 313 -3.41 2.59 13.94
C ALA B 313 -4.48 3.10 14.94
N ALA B 314 -5.74 3.20 14.50
CA ALA B 314 -6.86 3.66 15.36
C ALA B 314 -7.17 2.68 16.50
N ILE B 315 -7.29 1.38 16.18
CA ILE B 315 -7.48 0.34 17.20
C ILE B 315 -6.29 0.25 18.14
N ALA B 316 -5.07 0.29 17.58
CA ALA B 316 -3.85 0.07 18.37
C ALA B 316 -3.45 1.20 19.30
N THR B 317 -3.69 2.45 18.88
CA THR B 317 -3.30 3.64 19.66
C THR B 317 -3.60 3.59 21.18
N PRO B 318 -4.89 3.43 21.60
CA PRO B 318 -5.16 3.36 23.05
C PRO B 318 -4.51 2.14 23.73
N LEU B 319 -4.40 1.02 23.01
CA LEU B 319 -3.73 -0.22 23.52
C LEU B 319 -2.20 -0.06 23.72
N VAL B 320 -1.56 0.84 22.95
CA VAL B 320 -0.13 1.22 23.14
C VAL B 320 0.01 2.25 24.29
N ALA B 321 -0.87 3.26 24.32
CA ALA B 321 -0.92 4.29 25.39
C ALA B 321 -0.97 3.71 26.81
N ASN B 322 -1.73 2.64 27.01
CA ASN B 322 -1.91 2.02 28.36
C ASN B 322 -1.19 0.66 28.55
N ASP B 323 -0.28 0.33 27.61
CA ASP B 323 0.48 -0.93 27.60
C ASP B 323 -0.36 -2.21 27.46
N ARG B 324 -1.66 -2.13 27.14
CA ARG B 324 -2.47 -3.36 27.00
C ARG B 324 -2.03 -4.21 25.80
N ILE B 325 -1.43 -3.59 24.80
CA ILE B 325 -0.87 -4.31 23.64
C ILE B 325 0.22 -5.31 24.09
N LYS B 326 0.99 -4.90 25.09
CA LYS B 326 2.05 -5.73 25.68
C LYS B 326 1.43 -6.85 26.54
N GLN B 327 0.43 -6.51 27.36
CA GLN B 327 -0.25 -7.50 28.23
C GLN B 327 -0.96 -8.56 27.41
N LEU B 328 -1.60 -8.12 26.33
CA LEU B 328 -2.28 -9.02 25.40
C LEU B 328 -1.30 -10.02 24.76
N SER B 329 -0.14 -9.50 24.37
CA SER B 329 0.90 -10.29 23.77
C SER B 329 1.50 -11.33 24.73
N ASP B 330 1.86 -10.90 25.92
CA ASP B 330 2.52 -11.73 26.92
C ASP B 330 1.58 -12.71 27.61
N ASN B 331 0.37 -12.25 27.96
CA ASN B 331 -0.62 -13.07 28.67
C ASN B 331 -1.49 -13.94 27.78
N GLU B 332 -1.81 -13.53 26.55
CA GLU B 332 -2.72 -14.32 25.68
C GLU B 332 -2.09 -14.93 24.39
N ILE B 333 -1.36 -14.12 23.62
CA ILE B 333 -0.79 -14.55 22.33
C ILE B 333 0.37 -15.54 22.51
N LYS B 334 1.40 -15.14 23.25
CA LYS B 334 2.59 -16.02 23.47
C LYS B 334 2.23 -17.41 24.02
N PRO B 335 1.42 -17.50 25.11
CA PRO B 335 1.04 -18.81 25.64
C PRO B 335 0.19 -19.64 24.68
N PHE B 336 -0.71 -19.01 23.95
CA PHE B 336 -1.51 -19.73 22.97
C PHE B 336 -0.61 -20.49 21.98
N TYR B 337 0.34 -19.78 21.35
CA TYR B 337 1.20 -20.41 20.35
C TYR B 337 2.15 -21.46 20.95
N GLN B 338 2.63 -21.25 22.18
CA GLN B 338 3.48 -22.26 22.83
C GLN B 338 2.73 -23.58 23.10
N LYS B 339 1.50 -23.49 23.59
CA LYS B 339 0.69 -24.71 23.82
C LYS B 339 0.41 -25.42 22.48
N GLN B 340 0.12 -24.62 21.44
CA GLN B 340 -0.10 -25.13 20.07
C GLN B 340 1.14 -25.86 19.53
N ALA B 341 2.32 -25.25 19.70
CA ALA B 341 3.60 -25.84 19.23
C ALA B 341 3.92 -27.13 20.00
N THR B 342 3.70 -27.11 21.32
CA THR B 342 3.89 -28.28 22.20
C THR B 342 3.00 -29.45 21.76
N LEU B 343 1.73 -29.15 21.47
CA LEU B 343 0.76 -30.15 20.98
C LEU B 343 1.17 -30.71 19.63
N ALA B 344 1.62 -29.84 18.71
CA ALA B 344 2.11 -30.27 17.39
C ALA B 344 3.32 -31.19 17.53
N VAL B 345 4.30 -30.81 18.34
CA VAL B 345 5.50 -31.66 18.60
C VAL B 345 5.13 -33.06 19.11
N LYS B 346 4.22 -33.09 20.10
CA LYS B 346 3.65 -34.32 20.72
C LYS B 346 3.08 -35.21 19.63
N LEU B 347 2.20 -34.65 18.79
CA LEU B 347 1.58 -35.39 17.68
C LEU B 347 2.60 -35.85 16.61
N LEU B 348 3.60 -35.01 16.31
CA LEU B 348 4.64 -35.35 15.30
C LEU B 348 5.48 -36.52 15.80
N LYS B 349 5.87 -36.48 17.06
CA LYS B 349 6.57 -37.60 17.71
C LYS B 349 5.75 -38.89 17.80
N GLN B 350 4.43 -38.80 17.86
CA GLN B 350 3.57 -40.00 17.83
C GLN B 350 3.45 -40.57 16.41
N ALA B 351 3.58 -39.73 15.39
CA ALA B 351 3.45 -40.17 13.99
C ALA B 351 4.78 -40.69 13.43
N LEU B 352 5.83 -39.92 13.66
CA LEU B 352 7.20 -40.25 13.24
C LEU B 352 7.91 -40.34 14.58
N GLY B 353 9.22 -40.06 14.72
CA GLY B 353 9.88 -40.17 16.06
C GLY B 353 10.74 -41.42 16.16
N ASP B 354 10.21 -42.54 15.67
CA ASP B 354 11.02 -43.74 15.38
C ASP B 354 11.70 -43.52 14.01
N TYR B 355 11.16 -42.61 13.20
CA TYR B 355 11.68 -42.29 11.86
C TYR B 355 12.66 -41.10 11.98
N PRO B 356 13.55 -40.90 10.98
CA PRO B 356 14.55 -39.83 11.11
C PRO B 356 14.05 -38.39 10.78
N LEU B 357 13.05 -37.95 11.56
CA LEU B 357 12.48 -36.61 11.51
C LEU B 357 13.25 -35.81 12.56
N MSE B 358 13.58 -34.58 12.20
CA MSE B 358 14.20 -33.61 13.10
C MSE B 358 13.24 -32.41 13.06
O MSE B 358 12.62 -32.12 12.02
CB MSE B 358 15.59 -33.21 12.63
CG MSE B 358 16.59 -34.34 12.51
SE MSE B 358 17.29 -35.02 14.20
CE MSE B 358 18.45 -33.51 14.61
N ILE B 359 13.06 -31.76 14.21
CA ILE B 359 12.18 -30.61 14.34
C ILE B 359 13.05 -29.45 14.80
N HIS B 360 12.98 -28.30 14.13
CA HIS B 360 13.78 -27.17 14.56
C HIS B 360 13.26 -26.74 15.93
N LYS B 361 14.18 -26.47 16.85
CA LYS B 361 13.89 -25.95 18.19
C LYS B 361 12.84 -24.81 18.03
N PRO B 362 11.61 -25.01 18.56
CA PRO B 362 10.56 -24.02 18.39
C PRO B 362 10.76 -22.88 19.37
N GLU B 363 11.49 -21.86 18.96
CA GLU B 363 11.80 -20.71 19.79
C GLU B 363 10.90 -19.51 19.57
N GLY B 364 9.98 -19.60 18.61
CA GLY B 364 9.08 -18.49 18.30
C GLY B 364 8.37 -18.56 16.98
N ALA B 365 7.60 -17.50 16.69
CA ALA B 365 6.76 -17.38 15.48
C ALA B 365 5.69 -18.47 15.50
N ILE B 366 4.91 -18.58 14.44
CA ILE B 366 3.74 -19.47 14.41
C ILE B 366 3.92 -20.76 13.60
N PHE B 367 5.17 -21.19 13.41
CA PHE B 367 5.49 -22.37 12.58
C PHE B 367 6.41 -23.40 13.21
N LEU B 368 6.29 -24.64 12.73
CA LEU B 368 7.27 -25.71 13.00
C LEU B 368 7.96 -25.99 11.63
N TRP B 369 9.27 -26.25 11.69
CA TRP B 369 10.11 -26.53 10.53
C TRP B 369 10.61 -27.96 10.71
N LEU B 370 10.09 -28.85 9.86
CA LEU B 370 10.35 -30.29 9.90
C LEU B 370 11.46 -30.66 8.88
N TRP B 371 12.43 -31.48 9.30
CA TRP B 371 13.55 -31.95 8.45
C TRP B 371 13.58 -33.48 8.41
N PHE B 372 13.32 -34.02 7.23
CA PHE B 372 13.33 -35.47 6.96
C PHE B 372 14.72 -35.85 6.43
N LYS B 373 15.63 -36.28 7.32
CA LYS B 373 16.98 -36.74 6.94
C LYS B 373 16.87 -37.93 5.98
N ASP B 374 17.59 -37.88 4.85
CA ASP B 374 17.65 -39.00 3.86
C ASP B 374 16.27 -39.45 3.31
N LEU B 375 15.37 -38.50 3.08
CA LEU B 375 14.03 -38.82 2.54
C LEU B 375 14.22 -39.21 1.06
N PRO B 376 13.60 -40.32 0.59
CA PRO B 376 13.77 -40.69 -0.83
C PRO B 376 13.22 -39.72 -1.92
N ILE B 377 12.41 -38.73 -1.55
CA ILE B 377 11.94 -37.70 -2.51
C ILE B 377 12.28 -36.32 -1.96
N SER B 378 12.18 -35.31 -2.83
CA SER B 378 12.39 -33.92 -2.45
C SER B 378 11.13 -33.46 -1.71
N THR B 379 11.23 -32.36 -0.96
CA THR B 379 10.06 -31.81 -0.26
C THR B 379 9.09 -31.07 -1.18
N LEU B 380 9.52 -30.66 -2.38
CA LEU B 380 8.60 -30.12 -3.40
C LEU B 380 7.68 -31.26 -3.90
N ASP B 381 8.23 -32.48 -3.91
CA ASP B 381 7.51 -33.70 -4.32
C ASP B 381 6.51 -34.11 -3.21
N LEU B 382 6.97 -34.08 -1.94
CA LEU B 382 6.12 -34.35 -0.75
C LEU B 382 4.98 -33.35 -0.72
N TYR B 383 5.28 -32.09 -1.00
CA TYR B 383 4.27 -31.03 -1.11
C TYR B 383 3.16 -31.40 -2.08
N GLU B 384 3.52 -31.93 -3.27
CA GLU B 384 2.52 -32.31 -4.29
C GLU B 384 1.69 -33.48 -3.80
N ARG B 385 2.37 -34.52 -3.29
CA ARG B 385 1.70 -35.71 -2.75
C ARG B 385 0.72 -35.41 -1.61
N LEU B 386 1.12 -34.50 -0.71
CA LEU B 386 0.25 -34.07 0.41
C LEU B 386 -0.93 -33.22 -0.10
N LYS B 387 -0.68 -32.28 -1.04
CA LYS B 387 -1.77 -31.46 -1.62
C LYS B 387 -2.83 -32.34 -2.28
N ALA B 388 -2.37 -33.41 -2.96
CA ALA B 388 -3.24 -34.41 -3.62
C ALA B 388 -4.20 -35.13 -2.64
N LYS B 389 -3.80 -35.25 -1.37
CA LYS B 389 -4.59 -35.88 -0.31
C LYS B 389 -5.31 -34.87 0.62
N GLY B 390 -5.35 -33.57 0.25
CA GLY B 390 -6.03 -32.50 1.02
C GLY B 390 -5.30 -31.80 2.17
N THR B 391 -3.99 -32.03 2.33
CA THR B 391 -3.18 -31.36 3.37
C THR B 391 -2.16 -30.40 2.71
N LEU B 392 -2.17 -29.13 3.13
CA LEU B 392 -1.29 -28.08 2.59
C LEU B 392 -0.19 -27.67 3.56
N ILE B 393 1.06 -27.77 3.12
CA ILE B 393 2.27 -27.35 3.85
C ILE B 393 3.14 -26.59 2.85
N VAL B 394 4.24 -25.94 3.26
CA VAL B 394 5.12 -25.21 2.32
C VAL B 394 6.49 -25.94 2.20
N PRO B 395 6.97 -26.23 0.96
CA PRO B 395 8.27 -26.94 0.81
C PRO B 395 9.44 -26.00 1.01
N SER B 396 10.53 -26.55 1.51
CA SER B 396 11.69 -25.74 1.90
C SER B 396 12.48 -24.99 0.85
N GLU B 397 12.44 -25.42 -0.41
CA GLU B 397 13.32 -24.82 -1.44
C GLU B 397 13.11 -23.35 -1.82
N TYR B 398 12.01 -22.73 -1.38
CA TYR B 398 11.73 -21.31 -1.65
C TYR B 398 12.11 -20.38 -0.46
N PHE B 399 12.73 -20.92 0.58
CA PHE B 399 13.16 -20.11 1.73
C PHE B 399 14.66 -19.84 1.72
N PHE B 400 15.28 -19.90 0.55
CA PHE B 400 16.71 -19.63 0.40
C PHE B 400 16.97 -18.57 -0.67
N PRO B 401 16.33 -17.39 -0.54
CA PRO B 401 16.63 -16.33 -1.50
C PRO B 401 18.09 -15.87 -1.31
N GLY B 402 18.73 -15.53 -2.42
CA GLY B 402 20.12 -15.06 -2.42
C GLY B 402 21.19 -16.14 -2.53
N VAL B 403 20.79 -17.41 -2.58
CA VAL B 403 21.72 -18.53 -2.66
C VAL B 403 21.16 -19.63 -3.58
N ASP B 404 22.03 -20.14 -4.47
CA ASP B 404 21.67 -21.22 -5.40
C ASP B 404 21.65 -22.49 -4.57
N VAL B 405 20.47 -23.12 -4.52
CA VAL B 405 20.23 -24.34 -3.72
C VAL B 405 20.02 -25.61 -4.56
N SER B 406 20.20 -25.53 -5.88
CA SER B 406 20.15 -26.72 -6.76
C SER B 406 21.19 -27.78 -6.36
N ASP B 407 22.29 -27.33 -5.73
CA ASP B 407 23.41 -28.18 -5.31
C ASP B 407 23.53 -28.35 -3.75
N TYR B 408 22.51 -27.90 -3.00
CA TYR B 408 22.46 -27.95 -1.53
C TYR B 408 21.26 -28.83 -1.14
N GLN B 409 21.52 -30.10 -0.79
CA GLN B 409 20.44 -31.05 -0.48
C GLN B 409 19.59 -30.72 0.77
N HIS B 410 20.16 -30.09 1.79
CA HIS B 410 19.36 -29.70 2.97
C HIS B 410 18.14 -28.83 2.57
N ALA B 411 18.32 -27.95 1.56
CA ALA B 411 17.22 -27.10 1.05
C ALA B 411 16.02 -27.83 0.44
N HIS B 412 16.20 -29.12 0.09
CA HIS B 412 15.14 -29.98 -0.47
C HIS B 412 14.60 -31.06 0.49
N GLU B 413 15.02 -31.03 1.76
CA GLU B 413 14.66 -32.01 2.77
C GLU B 413 13.75 -31.50 3.93
N CYS B 414 13.22 -30.27 3.84
CA CYS B 414 12.36 -29.68 4.91
C CYS B 414 11.01 -29.16 4.45
N ILE B 415 10.10 -28.97 5.43
CA ILE B 415 8.76 -28.36 5.18
C ILE B 415 8.40 -27.39 6.30
N ARG B 416 7.53 -26.44 5.98
CA ARG B 416 7.01 -25.49 6.98
C ARG B 416 5.57 -25.84 7.24
N MSE B 417 5.20 -25.87 8.52
CA MSE B 417 3.86 -26.22 8.96
C MSE B 417 3.37 -25.16 9.94
O MSE B 417 4.07 -24.83 10.89
CB MSE B 417 3.90 -27.58 9.65
CG MSE B 417 2.56 -28.17 10.06
SE MSE B 417 2.89 -29.75 11.11
CE MSE B 417 3.62 -28.95 12.68
N SER B 418 2.18 -24.62 9.71
CA SER B 418 1.60 -23.62 10.60
C SER B 418 1.01 -24.27 11.85
N ILE B 419 1.36 -23.76 13.02
CA ILE B 419 0.75 -24.19 14.31
C ILE B 419 -0.35 -23.20 14.79
N ALA B 420 -0.69 -22.22 13.93
CA ALA B 420 -1.81 -21.31 14.17
C ALA B 420 -3.13 -21.97 13.81
N ALA B 421 -3.12 -23.10 13.08
CA ALA B 421 -4.35 -23.82 12.71
C ALA B 421 -5.04 -24.40 13.96
N ASP B 422 -6.36 -24.60 13.92
CA ASP B 422 -7.07 -25.15 15.09
C ASP B 422 -6.61 -26.58 15.38
N GLU B 423 -6.92 -27.03 16.58
CA GLU B 423 -6.47 -28.32 17.07
C GLU B 423 -6.81 -29.48 16.12
N GLN B 424 -8.06 -29.54 15.66
CA GLN B 424 -8.48 -30.66 14.78
C GLN B 424 -7.77 -30.67 13.42
N THR B 425 -7.46 -29.48 12.89
CA THR B 425 -6.67 -29.36 11.66
C THR B 425 -5.25 -29.92 11.86
N LEU B 426 -4.61 -29.56 12.97
CA LEU B 426 -3.27 -30.09 13.33
C LEU B 426 -3.27 -31.59 13.52
N ILE B 427 -4.31 -32.14 14.18
CA ILE B 427 -4.43 -33.58 14.40
C ILE B 427 -4.54 -34.34 13.07
N ASP B 428 -5.43 -33.85 12.19
CA ASP B 428 -5.69 -34.53 10.90
C ASP B 428 -4.53 -34.38 9.94
N GLY B 429 -3.97 -33.17 9.86
CA GLY B 429 -2.84 -32.88 8.98
C GLY B 429 -1.61 -33.69 9.31
N ILE B 430 -1.23 -33.72 10.60
CA ILE B 430 -0.06 -34.47 11.07
C ILE B 430 -0.24 -35.99 10.87
N LYS B 431 -1.48 -36.47 10.99
CA LYS B 431 -1.79 -37.89 10.76
C LYS B 431 -1.40 -38.28 9.30
N VAL B 432 -1.81 -37.45 8.35
CA VAL B 432 -1.52 -37.64 6.91
C VAL B 432 -0.01 -37.55 6.62
N ILE B 433 0.63 -36.48 7.11
CA ILE B 433 2.10 -36.27 7.01
C ILE B 433 2.83 -37.56 7.47
N GLY B 434 2.40 -38.12 8.61
CA GLY B 434 2.95 -39.34 9.16
C GLY B 434 2.79 -40.56 8.26
N GLU B 435 1.58 -40.78 7.75
CA GLU B 435 1.29 -41.93 6.87
C GLU B 435 2.13 -41.91 5.58
N VAL B 436 2.07 -40.77 4.88
CA VAL B 436 2.81 -40.51 3.63
C VAL B 436 4.34 -40.70 3.81
N VAL B 437 4.90 -40.05 4.83
CA VAL B 437 6.35 -40.09 5.13
C VAL B 437 6.86 -41.46 5.62
N ARG B 438 6.13 -42.09 6.55
CA ARG B 438 6.48 -43.45 7.05
C ARG B 438 6.52 -44.43 5.90
N GLU B 439 5.48 -44.41 5.07
CA GLU B 439 5.36 -45.25 3.87
C GLU B 439 6.56 -45.02 2.90
N LEU B 440 6.99 -43.75 2.75
CA LEU B 440 8.18 -43.40 1.93
C LEU B 440 9.49 -43.95 2.52
N TYR B 441 9.67 -43.87 3.85
CA TYR B 441 10.87 -44.43 4.54
C TYR B 441 10.92 -45.98 4.60
N ASP B 442 9.76 -46.62 4.72
CA ASP B 442 9.67 -48.09 4.79
C ASP B 442 10.05 -48.84 3.48
N ASN B 443 10.04 -48.15 2.33
CA ASN B 443 10.35 -48.71 0.99
C ASN B 443 11.59 -48.04 0.33
N LYS B 444 12.68 -48.80 0.14
CA LYS B 444 13.97 -48.34 -0.48
C LYS B 444 14.45 -46.91 -0.14
N1 PLP C . -7.57 10.72 -8.70
C2 PLP C . -7.76 12.08 -8.57
C2A PLP C . -8.25 12.82 -9.77
C3 PLP C . -7.49 12.70 -7.33
O3 PLP C . -7.67 14.05 -7.15
C4 PLP C . -7.01 11.94 -6.25
C4A PLP C . -6.48 12.71 -5.04
O4A PLP C . -6.81 12.40 -3.88
C5 PLP C . -6.82 10.53 -6.42
C6 PLP C . -7.12 9.95 -7.67
C5A PLP C . -6.26 9.60 -5.31
O4P PLP C . -7.24 9.09 -4.44
P PLP C . -6.91 7.88 -3.44
O1P PLP C . -5.53 7.25 -3.44
O2P PLP C . -7.91 6.86 -3.88
O3P PLP C . -7.18 8.42 -2.09
C1 GOL D . -28.33 7.51 2.15
O1 GOL D . -29.51 6.74 1.94
C2 GOL D . -28.46 8.67 3.16
O2 GOL D . -28.62 8.18 4.49
C3 GOL D . -29.57 9.68 2.81
O3 GOL D . -29.68 9.99 1.42
N1 PLP E . 7.80 -10.80 8.22
C2 PLP E . 7.57 -12.15 8.41
C2A PLP E . 8.67 -12.94 9.04
C3 PLP E . 6.32 -12.72 8.03
O3 PLP E . 6.06 -14.06 8.20
C4 PLP E . 5.33 -11.89 7.43
C4A PLP E . 3.90 -12.36 7.18
O4A PLP E . 3.65 -13.44 6.67
C5 PLP E . 5.61 -10.50 7.24
C6 PLP E . 6.85 -9.99 7.66
C5A PLP E . 4.60 -9.56 6.59
O4P PLP E . 3.59 -9.19 7.49
P PLP E . 2.63 -7.94 7.20
O1P PLP E . 2.89 -7.28 5.88
O2P PLP E . 2.87 -6.94 8.31
O3P PLP E . 1.30 -8.55 7.32
C ACT F . 3.73 -16.80 4.07
O ACT F . 4.80 -17.17 4.60
OXT ACT F . 3.30 -15.74 4.56
CH3 ACT F . 3.06 -17.57 2.97
C1 GOL G . -5.41 -9.62 29.40
O1 GOL G . -4.09 -9.71 29.93
C2 GOL G . -5.43 -8.84 28.10
O2 GOL G . -5.09 -7.46 28.29
C3 GOL G . -6.81 -8.99 27.43
O3 GOL G . -7.69 -7.96 27.83
#